data_4OH3
#
_entry.id   4OH3
#
_cell.length_a   84.800
_cell.length_b   188.465
_cell.length_c   262.848
_cell.angle_alpha   90.00
_cell.angle_beta   90.00
_cell.angle_gamma   90.00
#
_symmetry.space_group_name_H-M   'C 2 2 21'
#
loop_
_entity.id
_entity.type
_entity.pdbx_description
1 polymer 'Nitrate transporter 1.1'
2 non-polymer DODECYL-BETA-D-MALTOSIDE
3 non-polymer 'NITRATE ION'
#
_entity_poly.entity_id   1
_entity_poly.type   'polypeptide(L)'
_entity_poly.pdbx_seq_one_letter_code
;MSLPETKSDDILLDAWDFQGRPADRSKTGGWASAAMILCIEAVERLTTLGIGVNLVTYLTGTMHLGNATAANTVTNFLGT
SFMLCLLGGFIADTFLGRYLTIAIFAAIQATGVSILTLSTIIPGLRPPRCNPTTSSHCEQASGIQLTVLYLALYLTALGT
GGVKASVSGFGSDQFDETEPKERSKMTYFFNRFFFCINVGSLLAVTVLVYVQDDVGRKWGYGICAFAIVLALSVFLAGTN
RYRFKKLIGSPMTQVAAVIVAAWRNRKLELPADPSYLYDVDDIIAAEGSMKGKQKLPHTEQFRSLDKAAIRDQEAGVTSN
VFNKWTLSTLTDVEEVKQIVRMLPIWATCILFWTVHAQLTTLSVAQSETLDRSIGSFEIPPASMAVFYVGGLLLTTAVYD
RVAIRLCKKLFNYPHGLRPLQRIGLGLFFGSMAMAVAALVELKRLRTAHAHGPTVKTLPLGFYLLIPQYLIVGIGEALIY
TGQLDFFLRECPKGMKGMSTGLLLSTLALGFFFSSVLVTIVEKFTGKAHPWIADDLNKGRLYNFYWLVAVLVALNFLIFL
VFSKWYVYKEKRLAEVGIELDDEPSIPMGHAAAGSLVPR
;
_entity_poly.pdbx_strand_id   A,B
#
loop_
_chem_comp.id
_chem_comp.type
_chem_comp.name
_chem_comp.formula
LMT D-saccharide DODECYL-BETA-D-MALTOSIDE 'C24 H46 O11'
NO3 non-polymer 'NITRATE ION' 'N O3 -1'
#
# COMPACT_ATOMS: atom_id res chain seq x y z
N ASP A 9 11.18 34.30 -15.42
CA ASP A 9 10.57 32.98 -15.35
C ASP A 9 9.70 32.82 -14.12
N ASP A 10 9.11 31.63 -13.99
CA ASP A 10 8.22 31.23 -12.90
C ASP A 10 8.99 30.38 -11.87
N ILE A 11 9.71 29.38 -12.40
CA ILE A 11 10.32 28.28 -11.66
C ILE A 11 11.02 28.64 -10.35
N LEU A 12 10.81 27.79 -9.35
CA LEU A 12 11.32 28.00 -8.00
C LEU A 12 12.69 27.34 -7.77
N LEU A 13 13.49 27.94 -6.91
CA LEU A 13 14.83 27.44 -6.57
C LEU A 13 14.79 26.76 -5.20
N ASP A 14 15.67 25.79 -4.97
CA ASP A 14 15.70 25.01 -3.72
C ASP A 14 14.35 24.32 -3.41
N ALA A 15 13.79 23.75 -4.48
CA ALA A 15 12.71 22.77 -4.49
C ALA A 15 12.89 21.98 -5.80
N TRP A 16 12.44 20.74 -5.86
CA TRP A 16 12.71 19.93 -7.07
C TRP A 16 11.56 19.00 -7.47
N ASP A 17 11.79 18.16 -8.48
CA ASP A 17 10.79 17.20 -8.91
C ASP A 17 11.09 15.81 -8.36
N PHE A 18 10.22 14.84 -8.65
CA PHE A 18 10.54 13.45 -8.40
C PHE A 18 11.61 13.03 -9.41
N GLN A 19 11.58 13.71 -10.56
CA GLN A 19 12.64 13.61 -11.57
C GLN A 19 13.99 14.11 -11.04
N GLY A 20 13.95 15.13 -10.20
CA GLY A 20 15.16 15.78 -9.75
C GLY A 20 15.35 17.11 -10.48
N ARG A 21 14.43 17.40 -11.38
CA ARG A 21 14.46 18.63 -12.15
C ARG A 21 13.68 19.73 -11.44
N PRO A 22 14.32 20.88 -11.16
CA PRO A 22 13.57 21.99 -10.57
C PRO A 22 12.72 22.71 -11.61
N ALA A 23 11.54 23.28 -11.34
CA ALA A 23 10.67 23.21 -10.14
C ALA A 23 9.36 23.85 -10.64
N ASP A 24 8.46 24.31 -9.79
CA ASP A 24 7.40 25.19 -10.34
C ASP A 24 6.82 26.31 -9.44
N ARG A 25 6.08 27.20 -10.09
CA ARG A 25 5.23 28.16 -9.44
C ARG A 25 3.76 27.77 -9.64
N SER A 26 3.32 27.73 -10.89
CA SER A 26 1.90 27.56 -11.23
C SER A 26 1.39 26.15 -11.59
N LYS A 27 2.21 25.11 -11.52
CA LYS A 27 1.69 23.77 -11.79
C LYS A 27 1.85 22.76 -10.63
N THR A 28 3.09 22.37 -10.30
CA THR A 28 3.29 21.35 -9.26
C THR A 28 3.40 21.92 -7.86
N GLY A 29 2.44 21.53 -7.02
CA GLY A 29 2.34 21.95 -5.63
C GLY A 29 0.83 21.95 -5.51
N GLY A 30 0.25 22.49 -4.44
CA GLY A 30 -1.17 22.78 -4.59
C GLY A 30 -2.11 23.20 -3.48
N TRP A 31 -3.21 23.80 -3.93
CA TRP A 31 -4.35 24.10 -3.09
C TRP A 31 -4.89 22.79 -2.52
N ALA A 32 -5.27 21.89 -3.42
CA ALA A 32 -5.68 20.54 -3.09
C ALA A 32 -4.58 19.46 -3.30
N SER A 33 -3.33 19.84 -3.60
CA SER A 33 -2.25 18.84 -3.70
C SER A 33 -1.70 18.40 -2.36
N ALA A 34 -1.60 19.33 -1.42
CA ALA A 34 -1.36 18.99 -0.03
C ALA A 34 -2.46 18.06 0.45
N ALA A 35 -3.68 18.34 0.01
CA ALA A 35 -4.86 17.53 0.34
C ALA A 35 -4.60 16.05 0.11
N MET A 36 -3.91 15.73 -0.97
CA MET A 36 -3.55 14.35 -1.21
C MET A 36 -2.54 13.81 -0.18
N ILE A 37 -1.60 14.65 0.23
CA ILE A 37 -0.50 14.24 1.11
C ILE A 37 -0.96 14.18 2.53
N LEU A 38 -1.98 14.96 2.84
CA LEU A 38 -2.53 14.98 4.20
C LEU A 38 -3.75 14.09 4.33
N CYS A 39 -4.07 13.33 3.27
CA CYS A 39 -5.03 12.25 3.39
C CYS A 39 -4.54 11.34 4.50
N ILE A 40 -3.23 11.17 4.56
CA ILE A 40 -2.63 10.21 5.49
C ILE A 40 -2.21 10.88 6.82
N GLU A 41 -2.45 12.17 6.98
CA GLU A 41 -2.34 12.74 8.31
C GLU A 41 -3.63 12.46 9.07
N ALA A 42 -4.73 12.99 8.56
CA ALA A 42 -6.06 12.80 9.14
C ALA A 42 -6.33 11.34 9.49
N VAL A 43 -5.93 10.41 8.62
CA VAL A 43 -6.15 8.99 8.89
C VAL A 43 -5.31 8.54 10.08
N GLU A 44 -4.02 8.88 10.11
CA GLU A 44 -3.15 8.47 11.22
C GLU A 44 -3.52 9.13 12.55
N ARG A 45 -4.06 10.33 12.51
CA ARG A 45 -4.53 10.89 13.76
C ARG A 45 -5.82 10.17 14.14
N LEU A 46 -6.77 10.06 13.21
CA LEU A 46 -8.05 9.42 13.56
C LEU A 46 -7.88 7.96 14.02
N THR A 47 -6.85 7.29 13.53
CA THR A 47 -6.49 5.94 14.00
C THR A 47 -5.90 5.88 15.42
N THR A 48 -4.84 6.64 15.65
CA THR A 48 -4.12 6.61 16.92
C THR A 48 -4.98 7.10 18.08
N LEU A 49 -6.00 7.89 17.75
CA LEU A 49 -7.05 8.19 18.70
C LEU A 49 -7.96 6.98 18.92
N GLY A 50 -8.72 6.59 17.90
CA GLY A 50 -9.67 5.51 18.02
C GLY A 50 -9.11 4.23 18.63
N ILE A 51 -7.93 3.81 18.20
CA ILE A 51 -7.31 2.59 18.72
C ILE A 51 -6.85 2.74 20.18
N GLY A 52 -6.06 3.78 20.43
CA GLY A 52 -5.41 3.95 21.71
C GLY A 52 -6.41 4.31 22.78
N VAL A 53 -7.36 5.20 22.45
CA VAL A 53 -8.25 5.73 23.48
C VAL A 53 -9.07 4.58 24.06
N ASN A 54 -9.47 3.66 23.21
CA ASN A 54 -9.98 2.44 23.74
C ASN A 54 -9.16 1.26 23.23
N LEU A 55 -8.04 0.95 23.88
CA LEU A 55 -7.38 -0.33 23.62
C LEU A 55 -7.35 -1.14 24.90
N VAL A 56 -7.60 -0.42 25.99
CA VAL A 56 -7.39 -1.02 27.29
C VAL A 56 -8.54 -1.99 27.48
N THR A 57 -9.64 -1.62 26.83
CA THR A 57 -10.85 -2.37 26.90
C THR A 57 -10.72 -3.62 26.05
N TYR A 58 -9.97 -3.57 24.96
CA TYR A 58 -9.73 -4.80 24.20
C TYR A 58 -8.85 -5.71 25.06
N LEU A 59 -7.91 -5.11 25.80
CA LEU A 59 -7.05 -5.93 26.64
C LEU A 59 -7.80 -6.61 27.79
N THR A 60 -8.50 -5.84 28.60
CA THR A 60 -9.22 -6.45 29.72
C THR A 60 -10.38 -7.28 29.23
N GLY A 61 -11.20 -6.71 28.37
CA GLY A 61 -12.41 -7.36 27.91
C GLY A 61 -12.21 -8.64 27.12
N THR A 62 -11.40 -8.59 26.07
CA THR A 62 -11.21 -9.70 25.13
C THR A 62 -10.05 -10.62 25.53
N MET A 63 -8.86 -10.03 25.59
CA MET A 63 -7.65 -10.73 26.02
C MET A 63 -7.64 -11.15 27.51
N HIS A 64 -8.53 -10.56 28.30
CA HIS A 64 -8.71 -10.87 29.73
C HIS A 64 -7.48 -10.70 30.58
N LEU A 65 -6.81 -9.57 30.46
CA LEU A 65 -5.61 -9.35 31.24
C LEU A 65 -5.88 -8.81 32.64
N GLY A 66 -6.84 -7.89 32.78
CA GLY A 66 -7.11 -7.28 34.08
C GLY A 66 -6.31 -6.00 34.20
N ASN A 67 -6.89 -4.98 34.84
CA ASN A 67 -6.49 -3.57 34.60
C ASN A 67 -5.02 -3.23 34.78
N ALA A 68 -4.44 -3.59 35.92
CA ALA A 68 -3.06 -3.28 36.19
C ALA A 68 -2.21 -3.66 34.98
N THR A 69 -2.18 -4.95 34.67
CA THR A 69 -1.42 -5.47 33.53
C THR A 69 -1.87 -4.90 32.17
N ALA A 70 -3.16 -4.56 32.04
CA ALA A 70 -3.68 -4.01 30.79
C ALA A 70 -3.31 -2.55 30.68
N ALA A 71 -3.39 -1.82 31.79
CA ALA A 71 -3.15 -0.40 31.77
C ALA A 71 -1.73 -0.15 31.33
N ASN A 72 -0.85 -1.09 31.64
CA ASN A 72 0.55 -0.90 31.27
C ASN A 72 0.80 -1.17 29.80
N THR A 73 0.11 -2.16 29.23
CA THR A 73 0.38 -2.48 27.83
C THR A 73 0.01 -1.28 26.98
N VAL A 74 -1.17 -0.73 27.24
CA VAL A 74 -1.64 0.46 26.53
C VAL A 74 -0.65 1.60 26.66
N THR A 75 -0.23 1.84 27.89
CA THR A 75 0.65 2.95 28.19
C THR A 75 2.10 2.74 27.69
N ASN A 76 2.47 1.50 27.39
CA ASN A 76 3.77 1.23 26.81
C ASN A 76 3.77 1.43 25.31
N PHE A 77 2.67 1.01 24.71
CA PHE A 77 2.37 1.21 23.29
C PHE A 77 2.40 2.72 22.96
N LEU A 78 1.62 3.49 23.73
CA LEU A 78 1.63 4.94 23.56
C LEU A 78 3.04 5.49 23.77
N GLY A 79 3.70 5.06 24.82
CA GLY A 79 5.05 5.52 25.05
C GLY A 79 5.93 5.22 23.84
N THR A 80 6.04 3.94 23.48
CA THR A 80 6.91 3.48 22.40
C THR A 80 6.58 4.17 21.09
N SER A 81 5.29 4.42 20.88
CA SER A 81 4.87 5.12 19.69
C SER A 81 5.52 6.50 19.58
N PHE A 82 5.63 7.24 20.69
CA PHE A 82 6.32 8.55 20.68
C PHE A 82 7.81 8.46 20.64
N MET A 83 8.33 7.55 21.44
CA MET A 83 9.73 7.18 21.37
C MET A 83 10.09 6.98 19.92
N LEU A 84 9.29 6.21 19.19
CA LEU A 84 9.60 5.86 17.79
C LEU A 84 9.38 6.99 16.80
N CYS A 85 8.34 7.79 17.04
CA CYS A 85 8.08 9.02 16.32
C CYS A 85 9.28 9.98 16.29
N LEU A 86 10.08 9.91 17.34
CA LEU A 86 11.25 10.75 17.52
C LEU A 86 12.43 10.26 16.70
N LEU A 87 12.65 8.94 16.77
CA LEU A 87 13.59 8.29 15.86
C LEU A 87 13.11 8.51 14.45
N GLY A 88 11.80 8.48 14.27
CA GLY A 88 11.18 8.65 12.97
C GLY A 88 11.57 9.92 12.22
N GLY A 89 11.45 11.06 12.91
CA GLY A 89 11.82 12.34 12.32
C GLY A 89 13.32 12.56 12.17
N PHE A 90 14.09 11.77 12.89
CA PHE A 90 15.53 11.81 12.73
C PHE A 90 15.96 11.03 11.50
N ILE A 91 15.44 9.81 11.33
CA ILE A 91 15.65 9.05 10.10
C ILE A 91 15.33 9.90 8.88
N ALA A 92 14.18 10.59 8.94
CA ALA A 92 13.64 11.37 7.83
C ALA A 92 14.53 12.49 7.36
N ASP A 93 15.28 13.09 8.28
CA ASP A 93 16.06 14.28 7.93
C ASP A 93 17.54 13.98 7.68
N THR A 94 17.93 12.72 7.85
CA THR A 94 19.32 12.29 7.69
C THR A 94 19.50 11.34 6.50
N PHE A 95 18.74 10.25 6.52
CA PHE A 95 18.85 9.16 5.55
C PHE A 95 17.76 9.25 4.47
N LEU A 96 16.54 8.86 4.86
CA LEU A 96 15.34 8.82 4.01
C LEU A 96 14.91 10.22 3.58
N GLY A 97 14.04 10.30 2.57
CA GLY A 97 13.40 11.57 2.27
C GLY A 97 12.42 11.95 3.36
N ARG A 98 11.79 13.12 3.22
CA ARG A 98 10.56 13.39 3.96
C ARG A 98 9.46 12.54 3.33
N TYR A 99 9.36 12.61 2.00
CA TYR A 99 8.50 11.76 1.14
C TYR A 99 8.64 10.25 1.36
N LEU A 100 9.87 9.76 1.25
CA LEU A 100 10.15 8.35 1.41
C LEU A 100 9.77 7.87 2.78
N THR A 101 10.06 8.66 3.81
CA THR A 101 9.64 8.31 5.18
C THR A 101 8.15 8.11 5.25
N ILE A 102 7.38 9.17 4.97
CA ILE A 102 5.93 9.03 4.98
C ILE A 102 5.44 7.86 4.13
N ALA A 103 5.97 7.63 2.93
CA ALA A 103 5.57 6.43 2.16
C ALA A 103 5.87 5.18 2.97
N ILE A 104 7.16 4.91 3.19
CA ILE A 104 7.60 3.73 3.96
C ILE A 104 6.94 3.47 5.32
N PHE A 105 6.82 4.48 6.17
CA PHE A 105 6.28 4.21 7.49
C PHE A 105 4.76 4.21 7.47
N ALA A 106 4.17 4.70 6.39
CA ALA A 106 2.75 4.45 6.19
C ALA A 106 2.57 2.97 5.88
N ALA A 107 3.31 2.45 4.89
CA ALA A 107 3.16 1.03 4.53
C ALA A 107 3.25 0.12 5.77
N ILE A 108 4.28 0.31 6.58
CA ILE A 108 4.39 -0.39 7.85
C ILE A 108 3.11 -0.20 8.69
N GLN A 109 2.69 1.06 8.82
CA GLN A 109 1.47 1.38 9.57
C GLN A 109 0.25 0.61 9.07
N ALA A 110 0.19 0.34 7.76
CA ALA A 110 -0.97 -0.37 7.21
C ALA A 110 -0.93 -1.86 7.55
N THR A 111 0.23 -2.51 7.40
CA THR A 111 0.28 -3.91 7.80
C THR A 111 0.10 -4.02 9.32
N GLY A 112 0.73 -3.09 10.04
CA GLY A 112 0.62 -3.06 11.48
C GLY A 112 -0.83 -3.14 11.90
N VAL A 113 -1.67 -2.23 11.38
CA VAL A 113 -3.08 -2.24 11.73
C VAL A 113 -3.82 -3.44 11.13
N SER A 114 -3.46 -3.84 9.91
CA SER A 114 -4.06 -5.03 9.31
C SER A 114 -3.92 -6.25 10.24
N ILE A 115 -2.68 -6.65 10.53
CA ILE A 115 -2.40 -7.72 11.49
C ILE A 115 -3.25 -7.59 12.75
N LEU A 116 -3.27 -6.41 13.34
CA LEU A 116 -4.17 -6.16 14.47
C LEU A 116 -5.60 -6.56 14.14
N THR A 117 -6.12 -6.07 13.01
CA THR A 117 -7.46 -6.42 12.58
C THR A 117 -7.57 -7.93 12.42
N LEU A 118 -6.56 -8.53 11.77
CA LEU A 118 -6.51 -9.98 11.62
C LEU A 118 -6.50 -10.70 12.98
N SER A 119 -5.75 -10.16 13.94
CA SER A 119 -5.72 -10.70 15.29
C SER A 119 -7.13 -10.85 15.82
N THR A 120 -7.97 -9.83 15.61
CA THR A 120 -9.34 -9.90 16.08
C THR A 120 -10.29 -10.77 15.24
N ILE A 121 -10.04 -11.02 13.96
CA ILE A 121 -10.99 -11.89 13.27
C ILE A 121 -10.53 -13.35 13.05
N ILE A 122 -9.24 -13.67 13.12
CA ILE A 122 -8.82 -15.08 12.88
C ILE A 122 -9.24 -15.88 14.09
N PRO A 123 -9.76 -17.12 13.87
CA PRO A 123 -10.31 -17.95 14.96
C PRO A 123 -9.22 -18.58 15.81
N GLY A 124 -9.45 -18.64 17.12
CA GLY A 124 -8.45 -19.14 18.03
C GLY A 124 -7.28 -18.19 18.29
N LEU A 125 -7.31 -17.00 17.70
CA LEU A 125 -6.24 -16.04 17.95
C LEU A 125 -6.57 -15.21 19.19
N ARG A 126 -7.64 -15.58 19.91
CA ARG A 126 -8.00 -14.97 21.21
C ARG A 126 -8.31 -15.98 22.33
N PRO A 127 -8.60 -15.49 23.54
CA PRO A 127 -9.31 -16.32 24.50
C PRO A 127 -10.78 -16.35 24.14
N PRO A 128 -11.51 -17.38 24.61
CA PRO A 128 -12.92 -17.58 24.28
C PRO A 128 -13.84 -16.63 25.04
N ARG A 129 -14.94 -16.21 24.41
CA ARG A 129 -15.75 -15.12 24.93
C ARG A 129 -16.10 -15.24 26.42
N CYS A 130 -15.87 -14.17 27.18
CA CYS A 130 -16.53 -13.90 28.46
C CYS A 130 -16.02 -12.58 29.00
N ASN A 131 -16.78 -11.93 29.87
CA ASN A 131 -16.27 -10.71 30.51
C ASN A 131 -16.09 -10.91 32.00
N PRO A 132 -14.87 -10.66 32.48
CA PRO A 132 -14.49 -10.89 33.87
C PRO A 132 -15.49 -10.22 34.82
N THR A 133 -16.26 -9.29 34.27
CA THR A 133 -17.34 -8.62 34.98
C THR A 133 -18.35 -9.59 35.56
N THR A 134 -18.93 -10.39 34.69
CA THR A 134 -19.95 -11.34 35.12
C THR A 134 -19.42 -12.75 35.31
N SER A 135 -18.13 -12.95 35.14
CA SER A 135 -17.56 -14.29 35.14
C SER A 135 -16.51 -14.51 36.20
N SER A 136 -16.44 -15.74 36.70
CA SER A 136 -15.52 -16.07 37.77
C SER A 136 -14.06 -16.12 37.35
N HIS A 137 -13.74 -16.93 36.34
CA HIS A 137 -12.37 -17.03 35.87
C HIS A 137 -12.32 -16.97 34.37
N CYS A 138 -11.61 -15.98 33.84
CA CYS A 138 -11.43 -15.89 32.41
C CYS A 138 -9.95 -16.07 32.11
N GLU A 139 -9.65 -16.77 31.02
CA GLU A 139 -8.28 -17.02 30.64
C GLU A 139 -7.65 -15.79 30.07
N GLN A 140 -6.53 -15.40 30.64
CA GLN A 140 -5.69 -14.36 30.07
C GLN A 140 -5.27 -14.92 28.73
N ALA A 141 -4.89 -14.07 27.79
CA ALA A 141 -4.47 -14.56 26.49
C ALA A 141 -3.21 -15.46 26.56
N SER A 142 -3.17 -16.47 25.69
CA SER A 142 -2.05 -17.41 25.60
C SER A 142 -0.81 -16.67 25.14
N GLY A 143 0.35 -17.29 25.32
CA GLY A 143 1.59 -16.71 24.86
C GLY A 143 1.54 -16.21 23.41
N ILE A 144 0.90 -16.97 22.52
CA ILE A 144 0.91 -16.64 21.10
C ILE A 144 -0.10 -15.56 20.69
N GLN A 145 -1.32 -15.63 21.22
CA GLN A 145 -2.32 -14.62 20.89
C GLN A 145 -1.89 -13.25 21.41
N LEU A 146 -0.99 -13.27 22.40
CA LEU A 146 -0.24 -12.10 22.81
C LEU A 146 0.73 -11.68 21.70
N THR A 147 1.58 -12.60 21.27
CA THR A 147 2.59 -12.26 20.29
C THR A 147 2.06 -11.61 19.01
N VAL A 148 0.96 -12.13 18.43
CA VAL A 148 0.38 -11.48 17.25
C VAL A 148 -0.15 -10.09 17.61
N LEU A 149 -0.71 -9.96 18.80
CA LEU A 149 -1.13 -8.65 19.27
C LEU A 149 0.07 -7.70 19.36
N TYR A 150 1.09 -8.11 20.12
CA TYR A 150 2.27 -7.27 20.33
C TYR A 150 2.97 -6.86 19.04
N LEU A 151 3.15 -7.84 18.17
CA LEU A 151 3.69 -7.60 16.85
C LEU A 151 2.80 -6.60 16.12
N ALA A 152 1.49 -6.75 16.22
CA ALA A 152 0.58 -5.87 15.51
C ALA A 152 0.74 -4.47 16.04
N LEU A 153 0.68 -4.35 17.36
CA LEU A 153 0.82 -3.05 18.00
C LEU A 153 2.14 -2.34 17.68
N TYR A 154 3.28 -3.02 17.85
CA TYR A 154 4.54 -2.30 17.76
C TYR A 154 4.81 -1.93 16.34
N LEU A 155 4.36 -2.78 15.42
CA LEU A 155 4.27 -2.39 14.02
C LEU A 155 3.41 -1.14 13.88
N THR A 156 2.18 -1.21 14.38
CA THR A 156 1.29 -0.08 14.26
C THR A 156 1.91 1.16 14.88
N ALA A 157 2.62 1.01 15.99
CA ALA A 157 3.23 2.18 16.63
C ALA A 157 4.40 2.70 15.81
N LEU A 158 5.25 1.78 15.35
CA LEU A 158 6.40 2.15 14.51
C LEU A 158 5.89 2.81 13.25
N GLY A 159 4.91 2.17 12.63
CA GLY A 159 4.25 2.71 11.47
C GLY A 159 3.76 4.10 11.79
N THR A 160 3.01 4.25 12.87
CA THR A 160 2.46 5.56 13.23
C THR A 160 3.56 6.56 13.54
N GLY A 161 4.50 6.15 14.38
CA GLY A 161 5.59 7.03 14.79
C GLY A 161 6.30 7.69 13.62
N GLY A 162 6.74 6.89 12.65
CA GLY A 162 7.44 7.36 11.46
C GLY A 162 6.66 8.37 10.63
N VAL A 163 5.40 8.04 10.38
CA VAL A 163 4.51 8.95 9.67
C VAL A 163 4.34 10.26 10.42
N LYS A 164 4.01 10.17 11.71
CA LYS A 164 3.73 11.35 12.55
C LYS A 164 4.82 12.41 12.39
N ALA A 165 6.05 11.93 12.22
CA ALA A 165 7.22 12.78 12.01
C ALA A 165 7.13 13.64 10.75
N SER A 166 7.06 12.98 9.61
CA SER A 166 7.34 13.67 8.36
C SER A 166 6.19 14.17 7.51
N VAL A 167 4.95 13.84 7.86
CA VAL A 167 3.87 14.23 6.96
C VAL A 167 3.55 15.70 7.05
N SER A 168 3.64 16.27 8.24
CA SER A 168 3.39 17.70 8.38
C SER A 168 4.47 18.48 7.63
N GLY A 169 5.70 17.99 7.68
CA GLY A 169 6.81 18.63 7.00
C GLY A 169 6.67 18.59 5.49
N PHE A 170 6.29 17.43 4.97
CA PHE A 170 6.12 17.23 3.53
C PHE A 170 4.83 17.88 3.07
N GLY A 171 3.87 18.01 3.97
CA GLY A 171 2.56 18.52 3.60
C GLY A 171 2.65 19.99 3.33
N SER A 172 3.29 20.70 4.26
CA SER A 172 3.45 22.16 4.20
C SER A 172 4.54 22.58 3.23
N ASP A 173 5.28 21.60 2.74
CA ASP A 173 6.33 21.84 1.75
C ASP A 173 5.79 22.08 0.36
N GLN A 174 4.49 21.89 0.16
CA GLN A 174 3.85 22.11 -1.14
C GLN A 174 3.38 23.53 -1.29
N PHE A 175 3.43 24.29 -0.20
CA PHE A 175 3.18 25.71 -0.32
C PHE A 175 4.37 26.65 -0.22
N ASP A 176 5.53 26.18 0.21
CA ASP A 176 6.48 27.20 0.59
C ASP A 176 7.15 27.77 -0.63
N GLU A 177 6.89 29.05 -0.82
CA GLU A 177 7.71 29.91 -1.61
C GLU A 177 7.80 31.02 -0.63
N THR A 178 8.85 31.82 -0.68
CA THR A 178 8.77 32.92 0.21
C THR A 178 8.00 33.81 -0.73
N GLU A 179 6.70 33.82 -0.50
CA GLU A 179 5.80 34.62 -1.28
C GLU A 179 4.60 35.04 -0.47
N PRO A 180 4.22 36.33 -0.54
CA PRO A 180 2.95 36.77 0.04
C PRO A 180 1.74 36.32 -0.75
N LYS A 181 1.92 35.86 -1.99
CA LYS A 181 0.80 35.55 -2.86
C LYS A 181 0.30 34.11 -2.72
N GLU A 182 1.06 33.14 -3.19
CA GLU A 182 0.63 31.73 -3.08
C GLU A 182 0.75 31.17 -1.67
N ARG A 183 1.87 31.45 -1.02
CA ARG A 183 2.17 30.95 0.32
C ARG A 183 1.12 31.48 1.32
N SER A 184 0.24 32.36 0.85
CA SER A 184 -0.94 32.78 1.60
C SER A 184 -2.20 31.95 1.26
N LYS A 185 -2.12 31.13 0.21
CA LYS A 185 -3.14 30.09 -0.06
C LYS A 185 -2.90 28.93 0.87
N MET A 186 -1.74 28.94 1.52
CA MET A 186 -1.37 27.96 2.53
C MET A 186 -2.21 28.15 3.76
N THR A 187 -2.46 29.41 4.12
CA THR A 187 -3.26 29.69 5.29
C THR A 187 -4.67 29.10 5.10
N TYR A 188 -5.40 29.59 4.09
CA TYR A 188 -6.81 29.22 3.88
C TYR A 188 -6.99 27.70 3.95
N PHE A 189 -6.14 26.96 3.27
CA PHE A 189 -6.31 25.52 3.26
C PHE A 189 -6.05 24.93 4.65
N PHE A 190 -4.91 25.27 5.26
CA PHE A 190 -4.47 24.65 6.52
C PHE A 190 -5.44 24.90 7.69
N ASN A 191 -6.43 25.75 7.44
CA ASN A 191 -7.47 26.08 8.39
C ASN A 191 -8.72 25.22 8.22
N ARG A 192 -9.29 25.20 7.02
CA ARG A 192 -10.36 24.26 6.71
C ARG A 192 -9.96 22.87 7.21
N PHE A 193 -8.74 22.47 6.86
CA PHE A 193 -8.19 21.17 7.24
C PHE A 193 -8.13 20.96 8.76
N PHE A 194 -7.44 21.85 9.46
CA PHE A 194 -7.26 21.74 10.91
C PHE A 194 -8.59 21.63 11.65
N PHE A 195 -9.57 22.41 11.21
CA PHE A 195 -10.93 22.27 11.71
C PHE A 195 -11.48 20.84 11.45
N CYS A 196 -11.34 20.36 10.21
CA CYS A 196 -11.76 19.00 9.88
C CYS A 196 -11.18 17.96 10.82
N ILE A 197 -9.93 18.17 11.24
CA ILE A 197 -9.31 17.29 12.23
C ILE A 197 -10.08 17.22 13.55
N ASN A 198 -10.28 18.37 14.18
CA ASN A 198 -10.99 18.41 15.46
C ASN A 198 -12.41 17.91 15.33
N VAL A 199 -13.07 18.24 14.24
CA VAL A 199 -14.33 17.56 13.98
C VAL A 199 -14.09 16.05 13.96
N GLY A 200 -13.16 15.60 13.12
CA GLY A 200 -12.85 14.19 13.06
C GLY A 200 -12.22 13.66 14.34
N SER A 201 -11.67 14.54 15.15
CA SER A 201 -11.09 14.09 16.41
C SER A 201 -12.15 13.88 17.46
N LEU A 202 -13.29 14.55 17.32
CA LEU A 202 -14.43 14.30 18.20
C LEU A 202 -15.00 12.94 17.83
N LEU A 203 -15.08 12.69 16.53
CA LEU A 203 -15.65 11.44 16.03
C LEU A 203 -14.81 10.20 16.42
N ALA A 204 -13.50 10.37 16.44
CA ALA A 204 -12.64 9.22 16.65
C ALA A 204 -12.75 8.68 18.07
N VAL A 205 -13.10 9.54 19.02
CA VAL A 205 -13.38 9.10 20.41
C VAL A 205 -14.87 8.92 20.68
N THR A 206 -15.70 9.05 19.65
CA THR A 206 -17.11 8.69 19.84
C THR A 206 -17.48 7.61 18.83
N VAL A 207 -17.69 8.01 17.58
CA VAL A 207 -18.18 7.06 16.59
C VAL A 207 -17.23 5.87 16.42
N LEU A 208 -15.96 6.12 16.09
CA LEU A 208 -14.93 5.07 16.00
C LEU A 208 -14.87 4.16 17.27
N VAL A 209 -15.03 4.77 18.44
CA VAL A 209 -15.07 4.02 19.69
C VAL A 209 -16.34 3.20 19.71
N TYR A 210 -17.45 3.85 19.39
CA TYR A 210 -18.75 3.19 19.38
C TYR A 210 -18.79 2.00 18.45
N VAL A 211 -18.29 2.18 17.23
CA VAL A 211 -18.22 1.07 16.29
C VAL A 211 -17.40 -0.07 16.89
N GLN A 212 -16.26 0.25 17.51
CA GLN A 212 -15.37 -0.83 17.88
C GLN A 212 -15.86 -1.52 19.15
N ASP A 213 -16.77 -0.87 19.86
CA ASP A 213 -17.40 -1.43 21.05
C ASP A 213 -18.64 -2.25 20.69
N ASP A 214 -19.61 -1.58 20.07
CA ASP A 214 -20.93 -2.16 19.78
C ASP A 214 -21.19 -2.80 18.38
N VAL A 215 -20.31 -2.57 17.41
CA VAL A 215 -20.33 -3.29 16.13
C VAL A 215 -19.30 -4.38 16.18
N GLY A 216 -18.04 -4.01 16.36
CA GLY A 216 -17.05 -4.97 16.83
C GLY A 216 -15.63 -4.53 16.57
N ARG A 217 -14.70 -5.18 17.25
CA ARG A 217 -13.30 -4.91 17.06
C ARG A 217 -12.87 -5.14 15.62
N LYS A 218 -13.30 -6.27 15.04
CA LYS A 218 -12.92 -6.53 13.65
C LYS A 218 -13.38 -5.38 12.75
N TRP A 219 -14.57 -4.84 12.98
CA TRP A 219 -15.02 -3.72 12.15
C TRP A 219 -14.32 -2.40 12.45
N GLY A 220 -14.27 -2.05 13.74
CA GLY A 220 -13.65 -0.82 14.19
C GLY A 220 -12.17 -0.73 13.86
N TYR A 221 -11.43 -1.84 14.03
CA TYR A 221 -10.01 -1.82 13.68
C TYR A 221 -9.89 -2.05 12.20
N GLY A 222 -10.86 -2.75 11.62
CA GLY A 222 -10.84 -3.05 10.19
C GLY A 222 -11.01 -1.82 9.33
N ILE A 223 -11.74 -0.83 9.84
CA ILE A 223 -11.95 0.38 9.08
C ILE A 223 -10.67 1.19 9.01
N CYS A 224 -10.01 1.31 10.16
CA CYS A 224 -8.73 2.00 10.23
C CYS A 224 -7.72 1.41 9.25
N ALA A 225 -7.58 0.09 9.20
CA ALA A 225 -6.77 -0.57 8.17
C ALA A 225 -7.07 -0.04 6.78
N PHE A 226 -8.30 -0.21 6.32
CA PHE A 226 -8.70 0.30 5.00
C PHE A 226 -8.47 1.80 4.85
N ALA A 227 -8.49 2.54 5.96
CA ALA A 227 -8.27 3.99 5.92
C ALA A 227 -6.89 4.34 5.38
N ILE A 228 -5.78 3.87 5.97
CA ILE A 228 -4.47 4.15 5.35
C ILE A 228 -4.31 3.47 4.01
N VAL A 229 -4.64 2.18 3.92
CA VAL A 229 -4.54 1.50 2.63
C VAL A 229 -5.29 2.32 1.58
N LEU A 230 -6.34 3.05 1.99
CA LEU A 230 -6.95 3.97 1.06
C LEU A 230 -6.09 5.21 0.89
N ALA A 231 -5.61 5.77 2.00
CA ALA A 231 -4.79 6.98 1.94
C ALA A 231 -3.43 6.77 1.22
N LEU A 232 -2.74 5.67 1.52
CA LEU A 232 -1.41 5.39 0.94
C LEU A 232 -1.51 5.33 -0.55
N SER A 233 -2.69 4.95 -1.01
CA SER A 233 -2.99 4.84 -2.41
C SER A 233 -3.18 6.21 -3.04
N VAL A 234 -3.70 7.15 -2.26
CA VAL A 234 -3.88 8.52 -2.73
C VAL A 234 -2.55 9.27 -2.69
N PHE A 235 -1.81 9.18 -1.58
CA PHE A 235 -0.53 9.87 -1.44
C PHE A 235 0.40 9.49 -2.57
N LEU A 236 0.79 8.22 -2.65
CA LEU A 236 1.70 7.77 -3.73
C LEU A 236 1.23 8.17 -5.13
N ALA A 237 -0.08 8.21 -5.35
CA ALA A 237 -0.63 8.51 -6.68
C ALA A 237 -0.61 10.00 -6.95
N GLY A 238 -0.13 10.78 -6.00
CA GLY A 238 0.09 12.19 -6.25
C GLY A 238 1.56 12.53 -6.38
N THR A 239 2.42 11.53 -6.54
CA THR A 239 3.86 11.77 -6.44
C THR A 239 4.38 12.71 -7.51
N ASN A 240 3.98 12.54 -8.77
CA ASN A 240 4.50 13.41 -9.85
C ASN A 240 4.35 14.91 -9.57
N ARG A 241 3.22 15.28 -8.98
CA ARG A 241 2.83 16.68 -8.77
C ARG A 241 3.32 17.28 -7.45
N TYR A 242 4.19 16.57 -6.73
CA TYR A 242 4.70 17.10 -5.45
C TYR A 242 5.96 17.96 -5.59
N ARG A 243 6.07 18.98 -4.74
CA ARG A 243 7.31 19.73 -4.58
C ARG A 243 8.22 19.03 -3.57
N PHE A 244 9.41 18.59 -4.03
CA PHE A 244 10.34 17.81 -3.21
C PHE A 244 11.51 18.61 -2.68
N LYS A 245 11.51 18.82 -1.37
CA LYS A 245 12.43 19.72 -0.71
C LYS A 245 13.88 19.23 -0.71
N LYS A 246 14.82 20.14 -0.50
CA LYS A 246 16.17 19.70 -0.21
C LYS A 246 16.06 19.02 1.13
N LEU A 247 16.94 18.08 1.42
CA LEU A 247 16.82 17.35 2.68
C LEU A 247 17.25 18.20 3.86
N ILE A 248 16.35 18.54 4.79
CA ILE A 248 16.74 19.42 5.90
C ILE A 248 17.43 18.55 6.95
N GLY A 249 18.49 19.07 7.55
CA GLY A 249 19.29 18.28 8.49
C GLY A 249 18.58 18.05 9.82
N SER A 250 19.28 17.40 10.75
CA SER A 250 18.77 17.19 12.11
C SER A 250 19.58 17.98 13.11
N PRO A 251 18.93 18.87 13.87
CA PRO A 251 19.60 19.59 14.96
C PRO A 251 20.22 18.61 15.96
N MET A 252 19.70 17.39 15.97
CA MET A 252 20.22 16.29 16.79
C MET A 252 21.70 16.01 16.56
N THR A 253 22.10 15.99 15.29
CA THR A 253 23.47 15.60 14.91
C THR A 253 24.51 16.61 15.39
N GLN A 254 24.20 17.90 15.25
CA GLN A 254 25.07 18.98 15.73
C GLN A 254 25.17 18.93 17.26
N VAL A 255 24.14 18.37 17.89
CA VAL A 255 24.07 18.23 19.35
C VAL A 255 24.82 17.01 19.85
N ALA A 256 25.02 16.04 18.96
CA ALA A 256 25.81 14.86 19.26
C ALA A 256 27.29 15.16 19.15
N ALA A 257 27.63 16.05 18.22
CA ALA A 257 29.02 16.35 17.86
C ALA A 257 29.85 16.91 19.03
N VAL A 258 29.17 17.48 20.01
CA VAL A 258 29.82 17.93 21.25
C VAL A 258 29.98 16.80 22.25
N ILE A 259 29.03 15.87 22.25
CA ILE A 259 28.96 14.82 23.27
C ILE A 259 30.03 13.75 23.07
N VAL A 260 30.30 13.41 21.81
CA VAL A 260 31.43 12.54 21.51
C VAL A 260 32.73 13.32 21.69
N ALA A 261 32.77 14.53 21.12
CA ALA A 261 34.04 15.19 20.87
C ALA A 261 34.63 15.84 22.12
N ALA A 262 33.99 15.69 23.27
CA ALA A 262 34.75 15.99 24.48
C ALA A 262 35.15 14.70 25.19
N TRP A 263 36.37 14.25 24.86
CA TRP A 263 37.32 13.55 25.73
C TRP A 263 38.66 14.10 25.28
N ARG A 264 39.36 14.87 26.10
CA ARG A 264 40.51 15.64 25.60
C ARG A 264 41.63 15.85 26.64
N ASN A 265 42.56 16.74 26.32
CA ASN A 265 43.66 17.11 27.22
C ASN A 265 43.16 17.56 28.59
N ALA A 308 37.15 19.47 26.33
CA ALA A 308 36.41 20.34 25.42
C ALA A 308 35.15 20.99 26.06
N ALA A 309 34.34 20.19 26.77
CA ALA A 309 33.08 20.70 27.30
C ALA A 309 32.88 20.48 28.81
N ILE A 310 32.88 21.59 29.56
CA ILE A 310 32.64 21.58 31.00
C ILE A 310 31.23 21.98 31.50
N ARG A 311 30.34 22.42 30.60
CA ARG A 311 29.09 23.12 30.97
C ARG A 311 29.38 24.38 31.81
N ASP A 312 28.60 24.57 32.87
CA ASP A 312 28.71 25.75 33.73
C ASP A 312 28.52 27.06 32.95
N GLN A 313 29.55 27.91 32.93
CA GLN A 313 29.51 29.18 32.22
C GLN A 313 30.71 29.29 31.33
N GLU A 314 30.55 29.83 30.12
CA GLU A 314 31.68 30.03 29.22
C GLU A 314 31.38 31.07 28.15
N ALA A 315 32.24 31.11 27.12
CA ALA A 315 32.20 32.13 26.07
C ALA A 315 30.88 32.21 25.30
N GLY A 316 30.59 33.37 24.70
CA GLY A 316 29.37 33.54 23.90
C GLY A 316 29.61 33.28 22.41
N VAL A 317 28.54 33.31 21.60
CA VAL A 317 28.56 32.78 20.23
C VAL A 317 28.40 33.84 19.14
N THR A 318 29.08 33.64 18.01
CA THR A 318 29.10 34.64 16.94
C THR A 318 28.18 34.30 15.77
N SER A 319 28.55 33.29 14.98
CA SER A 319 27.82 32.94 13.78
C SER A 319 28.14 31.53 13.29
N THR A 326 33.11 14.79 14.62
CA THR A 326 34.48 15.27 14.35
C THR A 326 35.02 15.99 15.57
N LEU A 327 35.83 17.03 15.33
CA LEU A 327 36.30 17.94 16.39
C LEU A 327 35.23 19.00 16.71
N SER A 328 35.24 19.50 17.95
CA SER A 328 34.14 20.34 18.47
C SER A 328 34.45 21.85 18.54
N THR A 329 33.65 22.67 17.86
CA THR A 329 33.78 24.13 17.89
C THR A 329 32.86 24.79 18.92
N LEU A 330 33.37 25.85 19.55
CA LEU A 330 32.76 26.43 20.76
C LEU A 330 31.32 26.94 20.60
N THR A 331 31.03 27.62 19.49
CA THR A 331 29.67 28.11 19.24
C THR A 331 28.66 26.95 19.24
N ASP A 332 29.07 25.77 18.78
CA ASP A 332 28.18 24.61 18.78
C ASP A 332 28.13 23.94 20.16
N VAL A 333 29.21 24.03 20.94
CA VAL A 333 29.20 23.44 22.29
C VAL A 333 28.50 24.33 23.32
N GLU A 334 28.47 25.63 23.07
CA GLU A 334 27.69 26.49 23.94
C GLU A 334 26.25 26.43 23.47
N GLU A 335 26.05 26.03 22.23
CA GLU A 335 24.70 25.78 21.70
C GLU A 335 24.09 24.58 22.41
N VAL A 336 24.89 23.53 22.53
CA VAL A 336 24.51 22.32 23.24
C VAL A 336 24.43 22.60 24.73
N LYS A 337 25.25 23.54 25.19
CA LYS A 337 25.26 23.96 26.59
C LYS A 337 23.91 24.55 27.00
N GLN A 338 23.42 25.52 26.24
CA GLN A 338 22.20 26.19 26.65
C GLN A 338 20.97 25.48 26.09
N ILE A 339 21.18 24.30 25.51
CA ILE A 339 20.12 23.29 25.36
C ILE A 339 19.97 22.51 26.67
N VAL A 340 21.09 22.25 27.33
CA VAL A 340 21.07 21.61 28.64
C VAL A 340 20.40 22.52 29.70
N ARG A 341 20.58 23.82 29.57
CA ARG A 341 20.00 24.74 30.55
C ARG A 341 18.47 24.56 30.60
N MET A 342 17.87 24.14 29.49
CA MET A 342 16.42 23.90 29.40
C MET A 342 16.00 22.53 29.95
N LEU A 343 16.96 21.61 29.95
CA LEU A 343 16.70 20.23 30.34
C LEU A 343 16.05 20.02 31.71
N PRO A 344 16.39 20.80 32.76
CA PRO A 344 15.63 20.55 33.99
C PRO A 344 14.15 20.86 33.82
N ILE A 345 13.82 21.94 33.11
CA ILE A 345 12.41 22.29 32.90
C ILE A 345 11.74 21.30 31.89
N TRP A 346 12.54 20.74 31.00
CA TRP A 346 12.08 19.64 30.18
C TRP A 346 11.68 18.48 31.06
N ALA A 347 12.45 18.28 32.13
CA ALA A 347 12.27 17.14 33.01
C ALA A 347 10.98 17.26 33.80
N THR A 348 10.60 18.48 34.12
CA THR A 348 9.38 18.68 34.88
C THR A 348 8.12 18.65 33.99
N CYS A 349 8.24 18.37 32.70
CA CYS A 349 7.02 18.06 31.95
C CYS A 349 6.71 16.58 31.83
N ILE A 350 7.69 15.72 32.12
CA ILE A 350 7.48 14.29 32.00
C ILE A 350 6.29 13.89 32.86
N LEU A 351 6.18 14.52 34.03
CA LEU A 351 5.15 14.15 34.97
C LEU A 351 3.75 14.65 34.61
N PHE A 352 3.62 15.54 33.65
CA PHE A 352 2.28 15.91 33.23
C PHE A 352 1.69 14.77 32.43
N TRP A 353 2.52 14.24 31.55
CA TRP A 353 2.07 13.26 30.58
C TRP A 353 1.78 11.98 31.30
N THR A 354 2.34 11.82 32.49
CA THR A 354 1.95 10.70 33.31
C THR A 354 0.51 10.90 33.76
N VAL A 355 0.13 12.13 34.07
CA VAL A 355 -1.28 12.38 34.38
C VAL A 355 -2.11 11.96 33.17
N HIS A 356 -1.74 12.46 31.99
CA HIS A 356 -2.51 12.16 30.79
C HIS A 356 -2.80 10.68 30.55
N ALA A 357 -1.85 9.79 30.86
CA ALA A 357 -2.03 8.36 30.58
C ALA A 357 -3.20 7.78 31.37
N GLN A 358 -3.39 8.29 32.59
CA GLN A 358 -4.43 7.76 33.47
C GLN A 358 -5.79 8.00 32.86
N LEU A 359 -5.84 8.90 31.89
CA LEU A 359 -7.06 9.08 31.15
C LEU A 359 -7.25 8.01 30.08
N THR A 360 -6.17 7.40 29.60
CA THR A 360 -6.35 6.41 28.55
C THR A 360 -6.60 5.00 29.11
N THR A 361 -6.31 4.77 30.39
CA THR A 361 -6.55 3.42 30.89
C THR A 361 -7.46 3.30 32.13
N LEU A 362 -6.93 3.56 33.32
CA LEU A 362 -7.71 3.36 34.53
C LEU A 362 -8.94 4.24 34.58
N SER A 363 -8.94 5.37 33.90
CA SER A 363 -10.13 6.18 33.95
C SER A 363 -11.19 5.62 33.03
N VAL A 364 -10.78 4.77 32.09
CA VAL A 364 -11.74 3.96 31.36
C VAL A 364 -12.33 2.87 32.27
N ALA A 365 -11.45 2.15 32.97
CA ALA A 365 -11.89 1.04 33.81
C ALA A 365 -12.86 1.53 34.88
N GLN A 366 -12.69 2.77 35.32
CA GLN A 366 -13.65 3.40 36.22
C GLN A 366 -14.94 3.64 35.48
N SER A 367 -14.82 4.31 34.33
CA SER A 367 -15.96 4.69 33.53
C SER A 367 -16.78 3.48 33.17
N GLU A 368 -16.12 2.33 33.03
CA GLU A 368 -16.81 1.10 32.66
C GLU A 368 -17.89 0.78 33.69
N THR A 369 -17.62 1.07 34.95
CA THR A 369 -18.55 0.75 36.05
C THR A 369 -19.54 1.84 36.42
N LEU A 370 -19.43 3.06 35.92
CA LEU A 370 -20.46 4.05 36.26
C LEU A 370 -21.68 3.84 35.36
N ASP A 371 -22.76 4.60 35.57
CA ASP A 371 -24.02 4.32 34.87
C ASP A 371 -23.93 4.50 33.36
N ARG A 372 -23.57 5.70 32.92
CA ARG A 372 -23.29 5.96 31.50
C ARG A 372 -24.50 5.86 30.58
N SER A 373 -25.65 5.49 31.14
CA SER A 373 -26.87 5.46 30.36
C SER A 373 -27.35 6.87 30.12
N ILE A 374 -27.92 7.10 28.94
CA ILE A 374 -28.72 8.29 28.69
C ILE A 374 -30.06 7.87 28.11
N GLY A 375 -31.14 7.99 28.89
CA GLY A 375 -32.42 7.53 28.43
C GLY A 375 -32.27 6.08 27.99
N SER A 376 -32.59 5.83 26.72
CA SER A 376 -32.48 4.50 26.11
C SER A 376 -31.03 4.10 25.84
N PHE A 377 -30.35 4.87 24.97
CA PHE A 377 -28.99 4.59 24.54
C PHE A 377 -27.95 4.68 25.66
N GLU A 378 -26.88 3.88 25.55
CA GLU A 378 -25.82 3.82 26.55
C GLU A 378 -24.45 4.16 25.96
N ILE A 379 -23.83 5.23 26.43
CA ILE A 379 -22.59 5.72 25.84
C ILE A 379 -21.38 4.82 26.20
N PRO A 380 -20.52 4.53 25.22
CA PRO A 380 -19.44 3.55 25.42
C PRO A 380 -18.41 4.06 26.39
N PRO A 381 -17.89 3.21 27.27
CA PRO A 381 -17.09 3.67 28.41
C PRO A 381 -15.93 4.54 27.98
N ALA A 382 -15.14 4.09 27.01
CA ALA A 382 -13.92 4.80 26.65
C ALA A 382 -14.21 6.09 25.91
N SER A 383 -15.47 6.32 25.60
CA SER A 383 -15.82 7.48 24.81
C SER A 383 -16.10 8.68 25.71
N MET A 384 -15.86 8.50 27.00
CA MET A 384 -15.78 9.61 27.96
C MET A 384 -14.70 10.60 27.55
N ALA A 385 -13.72 10.08 26.85
CA ALA A 385 -12.61 10.88 26.38
C ALA A 385 -13.07 11.96 25.41
N VAL A 386 -14.34 11.98 25.02
CA VAL A 386 -14.88 13.14 24.30
C VAL A 386 -14.81 14.38 25.18
N PHE A 387 -14.97 14.20 26.50
CA PHE A 387 -14.95 15.34 27.40
C PHE A 387 -13.52 15.88 27.55
N TYR A 388 -12.54 15.04 27.28
CA TYR A 388 -11.18 15.50 27.33
C TYR A 388 -10.82 16.26 26.06
N VAL A 389 -11.13 15.67 24.92
CA VAL A 389 -10.89 16.34 23.62
C VAL A 389 -11.67 17.68 23.56
N GLY A 390 -12.89 17.68 24.06
CA GLY A 390 -13.71 18.88 24.12
C GLY A 390 -13.05 19.96 24.94
N GLY A 391 -12.63 19.64 26.17
CA GLY A 391 -11.94 20.58 27.04
C GLY A 391 -10.66 21.10 26.39
N LEU A 392 -10.01 20.22 25.64
CA LEU A 392 -8.79 20.55 24.90
C LEU A 392 -9.04 21.51 23.72
N LEU A 393 -10.11 21.32 22.97
CA LEU A 393 -10.44 22.22 21.87
C LEU A 393 -10.97 23.53 22.42
N LEU A 394 -11.80 23.42 23.45
CA LEU A 394 -12.47 24.58 24.02
C LEU A 394 -11.53 25.60 24.67
N THR A 395 -10.51 25.10 25.33
CA THR A 395 -9.50 25.93 25.96
C THR A 395 -8.83 26.76 24.91
N THR A 396 -8.28 26.10 23.88
CA THR A 396 -7.68 26.78 22.72
C THR A 396 -8.58 27.85 22.07
N ALA A 397 -9.79 27.43 21.71
CA ALA A 397 -10.77 28.30 21.07
C ALA A 397 -10.87 29.61 21.84
N VAL A 398 -10.95 29.51 23.15
CA VAL A 398 -11.09 30.68 24.00
C VAL A 398 -9.75 31.40 24.16
N TYR A 399 -8.68 30.67 24.45
CA TYR A 399 -7.38 31.32 24.71
C TYR A 399 -6.93 32.18 23.53
N ASP A 400 -7.31 31.81 22.32
CA ASP A 400 -6.95 32.57 21.12
C ASP A 400 -7.87 33.77 20.88
N ARG A 401 -9.13 33.69 21.26
CA ARG A 401 -9.99 34.88 21.11
C ARG A 401 -9.78 35.84 22.27
N VAL A 402 -9.25 35.36 23.38
CA VAL A 402 -9.18 36.16 24.61
C VAL A 402 -7.75 36.42 25.12
N ALA A 403 -7.11 35.38 25.65
CA ALA A 403 -5.78 35.51 26.27
C ALA A 403 -4.73 36.06 25.29
N ILE A 404 -4.84 35.75 24.02
CA ILE A 404 -3.99 36.43 23.05
C ILE A 404 -4.33 37.92 23.05
N ARG A 405 -5.60 38.22 22.81
CA ARG A 405 -6.06 39.58 22.56
C ARG A 405 -5.87 40.51 23.75
N LEU A 406 -6.48 40.17 24.87
CA LEU A 406 -6.52 41.08 26.01
C LEU A 406 -5.47 40.82 27.10
N CYS A 407 -4.59 39.85 26.90
CA CYS A 407 -3.38 39.75 27.74
C CYS A 407 -2.25 40.61 27.21
N LYS A 408 -2.24 40.83 25.91
CA LYS A 408 -1.15 41.55 25.28
C LYS A 408 -1.47 43.02 25.12
N LYS A 409 -2.66 43.38 25.57
CA LYS A 409 -3.05 44.78 25.67
C LYS A 409 -2.86 45.35 27.08
N LEU A 410 -2.25 44.57 27.96
CA LEU A 410 -1.85 45.09 29.28
C LEU A 410 -0.32 45.14 29.44
N PHE A 411 0.29 43.99 29.68
CA PHE A 411 1.71 43.98 30.06
C PHE A 411 2.64 43.88 28.84
N ASN A 412 2.08 44.00 27.63
CA ASN A 412 2.85 43.89 26.39
C ASN A 412 3.52 42.52 26.18
N TYR A 413 2.71 41.46 26.28
CA TYR A 413 3.17 40.11 25.98
C TYR A 413 3.12 39.84 24.47
N PRO A 414 4.02 38.98 23.97
CA PRO A 414 4.03 38.39 22.61
C PRO A 414 2.95 37.32 22.36
N HIS A 415 2.83 36.40 23.32
CA HIS A 415 1.83 35.36 23.33
C HIS A 415 1.06 35.59 24.61
N GLY A 416 -0.14 35.06 24.72
CA GLY A 416 -1.02 35.43 25.81
C GLY A 416 -0.33 35.33 27.16
N LEU A 417 0.20 34.16 27.50
CA LEU A 417 1.04 34.03 28.67
C LEU A 417 2.48 33.70 28.25
N ARG A 418 3.44 34.03 29.12
CA ARG A 418 4.79 33.53 28.93
C ARG A 418 4.70 32.02 28.89
N PRO A 419 5.57 31.37 28.10
CA PRO A 419 5.49 29.92 27.94
C PRO A 419 5.50 29.21 29.29
N LEU A 420 6.34 29.67 30.22
CA LEU A 420 6.47 29.02 31.51
C LEU A 420 5.19 29.22 32.31
N GLN A 421 4.46 30.30 32.06
CA GLN A 421 3.16 30.47 32.72
C GLN A 421 2.21 29.35 32.30
N ARG A 422 2.20 29.05 31.01
CA ARG A 422 1.30 28.02 30.53
C ARG A 422 1.82 26.64 30.93
N ILE A 423 3.13 26.44 30.90
CA ILE A 423 3.70 25.17 31.36
C ILE A 423 3.33 24.96 32.82
N GLY A 424 3.75 25.88 33.68
CA GLY A 424 3.39 25.79 35.08
C GLY A 424 1.90 25.64 35.34
N LEU A 425 1.10 26.31 34.50
CA LEU A 425 -0.36 26.31 34.62
C LEU A 425 -0.91 24.94 34.32
N GLY A 426 -0.34 24.29 33.32
CA GLY A 426 -0.72 22.93 33.01
C GLY A 426 -0.49 22.01 34.21
N LEU A 427 0.76 21.94 34.68
CA LEU A 427 1.09 21.06 35.80
C LEU A 427 0.13 21.24 36.95
N PHE A 428 -0.28 22.47 37.23
CA PHE A 428 -1.19 22.73 38.34
C PHE A 428 -2.56 22.09 38.08
N PHE A 429 -3.10 22.24 36.87
CA PHE A 429 -4.35 21.55 36.56
C PHE A 429 -4.10 20.07 36.55
N GLY A 430 -2.97 19.68 35.97
CA GLY A 430 -2.53 18.29 35.97
C GLY A 430 -2.49 17.64 37.35
N SER A 431 -2.00 18.37 38.35
CA SER A 431 -1.91 17.82 39.69
C SER A 431 -3.27 17.84 40.39
N MET A 432 -4.14 18.72 39.89
CA MET A 432 -5.45 18.96 40.51
C MET A 432 -6.51 18.13 39.86
N ALA A 433 -6.16 17.51 38.75
CA ALA A 433 -7.08 16.55 38.16
C ALA A 433 -7.00 15.28 38.96
N MET A 434 -5.79 14.81 39.24
CA MET A 434 -5.64 13.62 40.04
C MET A 434 -6.27 13.77 41.43
N ALA A 435 -6.15 14.95 42.02
CA ALA A 435 -6.76 15.19 43.31
C ALA A 435 -8.29 15.03 43.25
N VAL A 436 -8.92 15.68 42.27
CA VAL A 436 -10.36 15.53 42.06
C VAL A 436 -10.75 14.08 41.84
N ALA A 437 -9.98 13.46 40.98
CA ALA A 437 -10.23 12.10 40.55
C ALA A 437 -10.08 11.12 41.71
N ALA A 438 -9.11 11.38 42.58
CA ALA A 438 -8.92 10.56 43.75
C ALA A 438 -10.21 10.62 44.53
N LEU A 439 -10.60 11.82 44.92
CA LEU A 439 -11.79 12.01 45.72
C LEU A 439 -13.06 11.49 45.08
N VAL A 440 -13.15 11.56 43.76
CA VAL A 440 -14.34 11.06 43.10
C VAL A 440 -14.38 9.53 43.22
N GLU A 441 -13.31 8.85 42.81
CA GLU A 441 -13.19 7.40 42.98
C GLU A 441 -13.49 6.97 44.41
N LEU A 442 -12.92 7.72 45.33
CA LEU A 442 -13.17 7.62 46.77
C LEU A 442 -14.66 7.68 47.10
N LYS A 443 -15.32 8.72 46.63
CA LYS A 443 -16.74 8.98 46.91
C LYS A 443 -17.62 8.34 45.86
N ARG A 444 -17.01 7.46 45.07
CA ARG A 444 -17.73 6.50 44.22
C ARG A 444 -17.72 5.13 44.88
N LEU A 445 -16.51 4.63 45.09
CA LEU A 445 -16.24 3.47 45.92
C LEU A 445 -16.99 3.51 47.25
N ARG A 446 -16.98 4.65 47.94
CA ARG A 446 -17.67 4.76 49.25
C ARG A 446 -19.18 4.56 49.07
N THR A 447 -19.71 4.80 47.87
CA THR A 447 -21.10 4.47 47.59
C THR A 447 -21.30 3.15 46.85
N ALA A 448 -20.20 2.51 46.42
CA ALA A 448 -20.27 1.18 45.80
C ALA A 448 -20.58 0.14 46.84
N HIS A 449 -20.04 0.34 48.04
CA HIS A 449 -20.11 -0.61 49.12
C HIS A 449 -21.22 -0.31 50.09
N ALA A 450 -22.02 0.70 49.77
CA ALA A 450 -22.98 1.28 50.71
C ALA A 450 -23.95 0.28 51.32
N PRO A 459 -27.14 4.42 40.04
CA PRO A 459 -25.87 4.58 40.77
C PRO A 459 -25.25 5.96 40.58
N LEU A 460 -24.06 5.95 39.96
CA LEU A 460 -23.36 7.17 39.61
C LEU A 460 -23.26 7.25 38.11
N GLY A 461 -23.78 8.34 37.56
CA GLY A 461 -23.65 8.58 36.14
C GLY A 461 -22.21 8.81 35.74
N PHE A 462 -21.97 8.74 34.44
CA PHE A 462 -20.68 9.05 33.87
C PHE A 462 -20.22 10.47 34.26
N TYR A 463 -21.17 11.31 34.65
CA TYR A 463 -20.92 12.69 35.05
C TYR A 463 -19.76 12.86 36.00
N LEU A 464 -19.62 11.95 36.95
CA LEU A 464 -18.60 12.09 37.97
C LEU A 464 -17.21 12.04 37.38
N LEU A 465 -17.10 11.45 36.20
CA LEU A 465 -15.82 11.44 35.53
C LEU A 465 -15.63 12.61 34.57
N ILE A 466 -16.67 13.39 34.31
CA ILE A 466 -16.48 14.56 33.48
C ILE A 466 -15.41 15.51 34.07
N PRO A 467 -15.40 15.73 35.40
CA PRO A 467 -14.30 16.57 35.90
C PRO A 467 -12.87 16.11 35.59
N GLN A 468 -12.48 14.85 35.76
CA GLN A 468 -11.08 14.50 35.49
C GLN A 468 -10.84 14.68 34.01
N TYR A 469 -11.64 14.02 33.19
CA TYR A 469 -11.51 14.13 31.75
C TYR A 469 -11.50 15.61 31.30
N LEU A 470 -12.24 16.48 31.97
CA LEU A 470 -12.27 17.89 31.59
C LEU A 470 -10.99 18.60 32.00
N ILE A 471 -10.71 18.63 33.31
CA ILE A 471 -9.56 19.33 33.88
C ILE A 471 -8.30 19.01 33.08
N VAL A 472 -8.05 17.73 32.82
CA VAL A 472 -6.82 17.36 32.12
C VAL A 472 -6.76 18.02 30.75
N GLY A 473 -7.90 17.99 30.05
CA GLY A 473 -8.01 18.66 28.77
C GLY A 473 -7.81 20.17 28.80
N ILE A 474 -8.31 20.85 29.83
CA ILE A 474 -8.06 22.29 29.93
C ILE A 474 -6.57 22.47 30.17
N GLY A 475 -6.01 21.55 30.96
CA GLY A 475 -4.65 21.65 31.44
C GLY A 475 -3.66 21.46 30.31
N GLU A 476 -3.90 20.44 29.50
CA GLU A 476 -2.97 20.04 28.43
C GLU A 476 -2.74 21.11 27.35
N ALA A 477 -3.84 21.73 26.88
CA ALA A 477 -3.78 22.78 25.87
C ALA A 477 -2.73 23.81 26.23
N LEU A 478 -2.77 24.24 27.48
CA LEU A 478 -1.78 25.18 27.98
C LEU A 478 -0.38 24.58 27.97
N ILE A 479 -0.22 23.40 28.57
CA ILE A 479 1.13 22.86 28.78
C ILE A 479 1.72 22.34 27.50
N TYR A 480 0.91 22.06 26.50
CA TYR A 480 1.51 21.71 25.23
C TYR A 480 2.04 22.98 24.52
N THR A 481 1.20 24.01 24.41
CA THR A 481 1.56 25.21 23.68
C THR A 481 2.40 26.10 24.55
N GLY A 482 2.48 25.78 25.82
CA GLY A 482 3.51 26.34 26.66
C GLY A 482 4.82 25.62 26.37
N GLN A 483 4.78 24.29 26.38
CA GLN A 483 5.99 23.48 26.19
C GLN A 483 6.53 23.73 24.82
N LEU A 484 5.63 23.75 23.84
CA LEU A 484 6.05 23.87 22.46
C LEU A 484 6.66 25.24 22.22
N ASP A 485 6.07 26.27 22.80
CA ASP A 485 6.57 27.62 22.57
C ASP A 485 7.85 27.87 23.33
N PHE A 486 8.04 27.27 24.50
CA PHE A 486 9.25 27.50 25.29
C PHE A 486 10.45 26.79 24.70
N PHE A 487 10.25 25.56 24.25
CA PHE A 487 11.32 24.82 23.59
C PHE A 487 11.72 25.57 22.30
N LEU A 488 10.70 25.95 21.53
CA LEU A 488 10.84 26.71 20.28
C LEU A 488 11.56 28.05 20.42
N ARG A 489 11.17 28.87 21.40
CA ARG A 489 11.71 30.22 21.48
C ARG A 489 12.96 30.29 22.37
N GLU A 490 13.35 29.18 22.99
CA GLU A 490 14.65 29.11 23.66
C GLU A 490 15.75 28.35 22.90
N CYS A 491 15.47 27.80 21.74
CA CYS A 491 16.47 26.98 21.09
C CYS A 491 17.32 27.74 20.07
N PRO A 492 18.63 27.48 20.07
CA PRO A 492 19.70 28.15 19.30
C PRO A 492 19.50 28.14 17.78
N LYS A 493 20.51 28.64 17.06
CA LYS A 493 20.42 28.93 15.63
C LYS A 493 19.81 27.88 14.73
N GLY A 494 20.54 26.81 14.49
CA GLY A 494 20.14 25.83 13.49
C GLY A 494 19.24 24.77 14.08
N MET A 495 18.94 24.89 15.36
CA MET A 495 18.14 23.87 16.01
C MET A 495 16.77 24.39 16.47
N LYS A 496 15.76 24.24 15.63
CA LYS A 496 14.37 24.32 16.06
C LYS A 496 13.66 22.97 15.94
N GLY A 497 14.35 22.00 15.35
CA GLY A 497 13.79 20.68 15.14
C GLY A 497 14.17 19.89 16.37
N MET A 498 15.01 20.55 17.16
CA MET A 498 15.35 20.11 18.50
C MET A 498 14.12 20.19 19.39
N SER A 499 13.34 21.24 19.18
CA SER A 499 12.13 21.50 19.97
C SER A 499 11.18 20.32 19.97
N THR A 500 10.78 19.89 18.78
CA THR A 500 9.83 18.79 18.61
C THR A 500 10.32 17.50 19.26
N GLY A 501 11.61 17.19 19.07
CA GLY A 501 12.22 16.09 19.77
C GLY A 501 11.98 16.22 21.26
N LEU A 502 12.32 17.39 21.81
CA LEU A 502 12.18 17.67 23.26
C LEU A 502 10.75 17.44 23.77
N LEU A 503 9.79 17.90 22.98
CA LEU A 503 8.39 17.74 23.33
C LEU A 503 8.00 16.27 23.40
N LEU A 504 8.13 15.56 22.27
CA LEU A 504 7.81 14.12 22.15
C LEU A 504 8.41 13.34 23.28
N SER A 505 9.69 13.65 23.51
CA SER A 505 10.51 13.11 24.58
C SER A 505 9.76 13.13 25.92
N THR A 506 9.27 14.29 26.33
CA THR A 506 8.51 14.36 27.57
C THR A 506 7.26 13.46 27.54
N LEU A 507 6.69 13.23 26.37
CA LEU A 507 5.47 12.41 26.30
C LEU A 507 5.80 10.95 26.39
N ALA A 508 6.79 10.53 25.61
CA ALA A 508 7.21 9.14 25.64
C ALA A 508 7.59 8.86 27.09
N LEU A 509 8.45 9.70 27.64
CA LEU A 509 8.87 9.54 29.01
C LEU A 509 7.69 9.57 30.02
N GLY A 510 6.70 10.44 29.81
CA GLY A 510 5.57 10.52 30.72
C GLY A 510 4.79 9.21 30.76
N PHE A 511 4.41 8.76 29.57
CA PHE A 511 3.83 7.43 29.39
C PHE A 511 4.67 6.30 29.96
N PHE A 512 5.95 6.27 29.59
CA PHE A 512 6.86 5.26 30.10
C PHE A 512 6.97 5.43 31.61
N PHE A 513 6.79 6.64 32.12
CA PHE A 513 6.84 6.78 33.56
C PHE A 513 5.68 6.10 34.27
N SER A 514 4.48 6.18 33.69
CA SER A 514 3.25 5.69 34.33
C SER A 514 3.21 4.19 34.52
N SER A 515 3.73 3.42 33.57
CA SER A 515 3.80 1.97 33.75
C SER A 515 4.77 1.63 34.88
N VAL A 516 5.76 2.49 35.08
CA VAL A 516 6.68 2.35 36.20
C VAL A 516 5.94 2.60 37.52
N LEU A 517 5.08 3.62 37.53
CA LEU A 517 4.25 3.89 38.70
C LEU A 517 3.35 2.71 39.09
N VAL A 518 2.47 2.31 38.16
CA VAL A 518 1.56 1.18 38.34
C VAL A 518 2.27 -0.09 38.78
N THR A 519 3.41 -0.40 38.17
CA THR A 519 4.20 -1.58 38.56
C THR A 519 4.72 -1.49 40.00
N ILE A 520 5.07 -0.30 40.45
CA ILE A 520 5.57 -0.17 41.83
C ILE A 520 4.48 -0.48 42.84
N VAL A 521 3.32 0.13 42.67
CA VAL A 521 2.26 -0.10 43.63
C VAL A 521 1.75 -1.54 43.55
N GLU A 522 1.83 -2.16 42.36
CA GLU A 522 1.38 -3.54 42.20
C GLU A 522 2.20 -4.47 43.06
N LYS A 523 3.51 -4.21 43.14
CA LYS A 523 4.42 -5.05 43.90
C LYS A 523 4.40 -4.74 45.39
N PHE A 524 4.09 -3.50 45.74
CA PHE A 524 4.13 -3.07 47.15
C PHE A 524 2.81 -3.05 47.91
N THR A 525 1.75 -3.51 47.28
CA THR A 525 0.40 -3.54 47.87
C THR A 525 -0.25 -4.91 47.71
N GLY A 526 -0.39 -5.33 46.46
CA GLY A 526 -0.86 -6.66 46.13
C GLY A 526 0.02 -7.72 46.75
N LYS A 527 -0.51 -8.93 46.87
CA LYS A 527 -1.77 -9.31 46.24
C LYS A 527 -3.06 -9.09 47.08
N ALA A 528 -2.95 -8.41 48.22
CA ALA A 528 -4.03 -8.42 49.24
C ALA A 528 -5.16 -7.36 49.13
N HIS A 529 -4.86 -6.08 49.31
CA HIS A 529 -5.85 -5.00 49.16
C HIS A 529 -5.37 -3.90 48.22
N PRO A 530 -5.12 -4.23 46.95
CA PRO A 530 -4.27 -3.43 46.06
C PRO A 530 -4.89 -2.13 45.51
N TRP A 531 -4.06 -1.10 45.34
CA TRP A 531 -4.54 0.19 44.85
C TRP A 531 -5.19 0.09 43.43
N ILE A 532 -4.45 -0.51 42.50
CA ILE A 532 -5.01 -0.85 41.20
C ILE A 532 -5.32 -2.34 41.15
N ALA A 533 -6.61 -2.65 41.08
CA ALA A 533 -7.06 -4.03 41.24
C ALA A 533 -7.93 -4.47 40.09
N ASP A 534 -8.11 -5.78 39.94
CA ASP A 534 -8.93 -6.32 38.87
C ASP A 534 -10.43 -5.98 39.03
N ASP A 535 -11.03 -6.37 40.14
CA ASP A 535 -12.32 -5.79 40.47
C ASP A 535 -12.02 -4.40 41.06
N LEU A 536 -12.49 -3.33 40.42
CA LEU A 536 -12.21 -1.97 40.93
C LEU A 536 -12.99 -1.62 42.22
N ASN A 537 -14.06 -2.38 42.50
CA ASN A 537 -14.77 -2.20 43.74
C ASN A 537 -14.02 -2.92 44.84
N LYS A 538 -13.07 -3.76 44.45
CA LYS A 538 -12.27 -4.50 45.41
C LYS A 538 -10.87 -3.90 45.65
N GLY A 539 -10.60 -2.70 45.18
CA GLY A 539 -9.34 -2.07 45.55
C GLY A 539 -9.43 -0.57 45.76
N ARG A 540 -8.41 0.03 46.40
CA ARG A 540 -8.43 1.48 46.61
C ARG A 540 -7.73 2.16 45.41
N LEU A 541 -8.51 2.64 44.46
CA LEU A 541 -7.97 3.29 43.27
C LEU A 541 -7.76 4.75 43.60
N TYR A 542 -8.41 5.20 44.67
CA TYR A 542 -8.44 6.61 45.00
C TYR A 542 -7.12 7.07 45.51
N ASN A 543 -6.30 6.18 46.08
CA ASN A 543 -5.00 6.70 46.50
C ASN A 543 -3.85 6.20 45.62
N PHE A 544 -4.18 5.61 44.47
CA PHE A 544 -3.19 5.68 43.41
C PHE A 544 -3.36 7.03 42.73
N TYR A 545 -4.58 7.51 42.60
CA TYR A 545 -4.75 8.87 42.10
C TYR A 545 -4.11 9.88 43.04
N TRP A 546 -4.39 9.76 44.34
CA TRP A 546 -3.80 10.63 45.34
C TRP A 546 -2.29 10.72 45.16
N LEU A 547 -1.67 9.54 45.07
CA LEU A 547 -0.24 9.43 44.78
C LEU A 547 0.16 10.30 43.61
N VAL A 548 -0.36 10.01 42.41
CA VAL A 548 0.02 10.80 41.24
C VAL A 548 -0.28 12.28 41.49
N ALA A 549 -1.41 12.59 42.12
CA ALA A 549 -1.71 13.96 42.50
C ALA A 549 -0.58 14.58 43.33
N VAL A 550 -0.21 13.92 44.41
CA VAL A 550 0.81 14.47 45.29
C VAL A 550 2.18 14.46 44.60
N LEU A 551 2.40 13.48 43.75
CA LEU A 551 3.64 13.44 42.95
C LEU A 551 3.77 14.62 41.98
N VAL A 552 2.72 14.88 41.19
CA VAL A 552 2.71 16.00 40.27
C VAL A 552 2.72 17.32 41.04
N ALA A 553 2.16 17.33 42.25
CA ALA A 553 2.21 18.51 43.09
C ALA A 553 3.65 18.87 43.41
N LEU A 554 4.41 17.91 43.93
CA LEU A 554 5.82 18.16 44.24
C LEU A 554 6.55 18.58 42.95
N ASN A 555 6.25 17.92 41.84
CA ASN A 555 6.95 18.19 40.57
C ASN A 555 6.80 19.65 40.20
N PHE A 556 5.57 20.14 40.27
CA PHE A 556 5.23 21.55 40.05
C PHE A 556 6.10 22.53 40.86
N LEU A 557 6.17 22.33 42.16
CA LEU A 557 6.99 23.20 43.01
C LEU A 557 8.42 23.22 42.51
N ILE A 558 8.89 22.06 42.07
CA ILE A 558 10.26 21.92 41.61
C ILE A 558 10.40 22.75 40.34
N PHE A 559 9.30 22.94 39.62
CA PHE A 559 9.32 23.66 38.35
C PHE A 559 9.45 25.16 38.57
N LEU A 560 8.76 25.67 39.58
CA LEU A 560 8.85 27.08 39.95
C LEU A 560 10.28 27.45 40.37
N VAL A 561 10.95 26.56 41.10
CA VAL A 561 12.34 26.77 41.45
C VAL A 561 13.19 26.74 40.17
N PHE A 562 12.95 25.75 39.32
CA PHE A 562 13.73 25.60 38.10
C PHE A 562 13.57 26.77 37.14
N SER A 563 12.34 27.29 37.12
CA SER A 563 12.01 28.38 36.21
C SER A 563 12.31 29.73 36.85
N LYS A 564 12.60 29.74 38.15
CA LYS A 564 13.11 30.95 38.76
C LYS A 564 14.59 31.00 38.40
N TRP A 565 15.28 29.87 38.49
CA TRP A 565 16.69 29.77 38.14
C TRP A 565 16.95 29.97 36.67
N TYR A 566 16.08 29.38 35.85
CA TYR A 566 16.30 29.40 34.42
C TYR A 566 16.33 30.83 33.90
N VAL A 567 15.31 31.63 34.22
CA VAL A 567 15.31 33.01 33.76
C VAL A 567 16.41 33.81 34.46
N TYR A 568 16.83 33.34 35.64
CA TYR A 568 17.93 33.97 36.39
C TYR A 568 19.32 33.56 35.89
N LYS A 569 19.51 32.28 35.58
CA LYS A 569 20.80 31.80 35.08
C LYS A 569 20.93 31.95 33.56
N GLU A 570 19.82 32.15 32.86
CA GLU A 570 19.87 32.48 31.43
C GLU A 570 19.68 33.97 31.12
N LYS A 571 19.55 34.85 32.12
CA LYS A 571 19.67 36.28 31.83
C LYS A 571 21.06 36.93 32.17
N ARG A 572 21.94 36.18 32.83
CA ARG A 572 23.34 36.57 32.98
C ARG A 572 24.12 36.08 31.75
N LEU A 573 23.52 35.11 31.05
CA LEU A 573 24.09 34.50 29.85
C LEU A 573 23.65 35.29 28.65
N ALA A 574 22.99 36.42 28.92
CA ALA A 574 22.44 37.28 27.89
C ALA A 574 23.43 38.33 27.37
N GLU A 575 23.83 39.25 28.23
CA GLU A 575 24.58 40.41 27.80
C GLU A 575 26.06 40.12 27.58
N VAL A 576 26.53 40.35 26.35
CA VAL A 576 27.97 40.37 26.05
C VAL A 576 28.30 41.51 25.08
N ASP B 9 36.05 0.45 -9.56
CA ASP B 9 36.04 -0.97 -9.24
C ASP B 9 34.75 -1.35 -8.51
N ASP B 10 34.69 -0.99 -7.23
CA ASP B 10 33.54 -1.31 -6.38
C ASP B 10 32.34 -0.41 -6.72
N ILE B 11 32.62 0.80 -7.19
CA ILE B 11 31.57 1.76 -7.56
C ILE B 11 31.21 1.63 -9.04
N LEU B 12 29.92 1.74 -9.39
CA LEU B 12 29.51 1.61 -10.79
C LEU B 12 28.87 2.87 -11.37
N LEU B 13 29.07 3.04 -12.67
CA LEU B 13 28.49 4.12 -13.44
C LEU B 13 27.21 3.62 -14.07
N ASP B 14 26.88 2.37 -13.75
CA ASP B 14 25.75 1.68 -14.34
C ASP B 14 24.43 2.06 -13.65
N ALA B 15 24.49 2.24 -12.34
CA ALA B 15 23.31 2.53 -11.54
C ALA B 15 23.63 3.60 -10.50
N TRP B 16 22.58 4.15 -9.88
CA TRP B 16 22.72 5.06 -8.76
C TRP B 16 21.88 4.52 -7.61
N ASP B 17 22.13 4.95 -6.38
CA ASP B 17 21.27 4.52 -5.29
C ASP B 17 20.16 5.54 -5.02
N PHE B 18 19.33 5.29 -4.01
CA PHE B 18 18.12 6.08 -3.76
C PHE B 18 18.36 7.56 -3.44
N GLN B 19 19.62 7.94 -3.21
CA GLN B 19 20.03 9.35 -3.06
C GLN B 19 20.19 9.97 -4.43
N GLY B 20 20.80 9.21 -5.32
CA GLY B 20 21.31 9.72 -6.57
C GLY B 20 22.83 9.71 -6.66
N ARG B 21 23.52 9.50 -5.55
CA ARG B 21 24.98 9.35 -5.61
C ARG B 21 25.26 7.99 -6.23
N PRO B 22 26.30 7.87 -7.08
CA PRO B 22 26.54 6.64 -7.85
C PRO B 22 26.57 5.35 -7.00
N ALA B 23 25.84 4.34 -7.46
CA ALA B 23 25.62 3.11 -6.69
C ALA B 23 26.90 2.33 -6.40
N ASP B 24 26.91 1.59 -5.30
CA ASP B 24 28.05 0.75 -4.95
C ASP B 24 27.65 -0.72 -5.01
N ARG B 25 28.62 -1.61 -5.24
CA ARG B 25 28.31 -3.03 -5.42
C ARG B 25 28.13 -3.81 -4.10
N SER B 26 28.90 -3.45 -3.08
CA SER B 26 28.79 -4.11 -1.78
C SER B 26 27.89 -3.36 -0.78
N LYS B 27 27.26 -2.28 -1.23
CA LYS B 27 26.19 -1.65 -0.45
C LYS B 27 24.84 -2.03 -1.06
N THR B 28 24.65 -1.66 -2.33
CA THR B 28 23.43 -1.97 -3.05
C THR B 28 23.57 -3.23 -3.94
N GLY B 29 22.91 -4.32 -3.56
CA GLY B 29 23.09 -5.60 -4.22
C GLY B 29 22.07 -6.65 -3.78
N GLY B 30 21.84 -7.66 -4.62
CA GLY B 30 20.67 -8.51 -4.50
C GLY B 30 20.63 -9.93 -3.92
N TRP B 31 21.72 -10.44 -3.34
CA TRP B 31 21.71 -11.77 -2.66
C TRP B 31 20.54 -11.87 -1.67
N ALA B 32 20.15 -10.69 -1.18
CA ALA B 32 18.99 -10.50 -0.32
C ALA B 32 18.01 -9.51 -0.97
N SER B 33 18.49 -8.29 -1.18
CA SER B 33 17.69 -7.14 -1.59
C SER B 33 16.80 -7.33 -2.83
N ALA B 34 17.13 -8.31 -3.66
CA ALA B 34 16.32 -8.57 -4.84
C ALA B 34 15.01 -9.26 -4.49
N ALA B 35 14.97 -9.94 -3.34
CA ALA B 35 13.75 -10.56 -2.86
C ALA B 35 12.68 -9.52 -2.45
N MET B 36 13.03 -8.59 -1.56
CA MET B 36 12.11 -7.53 -1.08
C MET B 36 11.40 -6.80 -2.22
N ILE B 37 12.09 -6.58 -3.35
CA ILE B 37 11.46 -6.08 -4.58
C ILE B 37 10.48 -7.10 -5.15
N LEU B 38 11.00 -8.30 -5.40
CA LEU B 38 10.32 -9.30 -6.19
C LEU B 38 9.12 -9.96 -5.54
N CYS B 39 9.04 -9.97 -4.20
CA CYS B 39 7.91 -10.61 -3.52
C CYS B 39 6.61 -10.00 -4.01
N ILE B 40 6.67 -8.73 -4.43
CA ILE B 40 5.53 -8.07 -5.05
C ILE B 40 5.09 -8.79 -6.32
N GLU B 41 6.04 -9.23 -7.14
CA GLU B 41 5.72 -9.96 -8.38
C GLU B 41 5.11 -11.30 -8.06
N ALA B 42 5.51 -11.87 -6.94
CA ALA B 42 4.96 -13.15 -6.50
C ALA B 42 3.50 -12.97 -6.14
N VAL B 43 3.21 -12.05 -5.20
CA VAL B 43 1.85 -11.80 -4.71
C VAL B 43 0.91 -11.32 -5.82
N GLU B 44 1.47 -10.61 -6.80
CA GLU B 44 0.71 -10.15 -7.94
C GLU B 44 0.29 -11.29 -8.89
N ARG B 45 1.21 -12.17 -9.26
CA ARG B 45 0.85 -13.26 -10.18
C ARG B 45 -0.15 -14.16 -9.50
N LEU B 46 0.21 -14.58 -8.30
CA LEU B 46 -0.62 -15.39 -7.41
C LEU B 46 -2.00 -14.80 -7.12
N THR B 47 -2.17 -13.51 -7.40
CA THR B 47 -3.45 -12.81 -7.27
C THR B 47 -4.33 -12.90 -8.53
N THR B 48 -3.91 -12.36 -9.67
CA THR B 48 -4.80 -12.30 -10.83
C THR B 48 -5.12 -13.69 -11.37
N LEU B 49 -4.45 -14.70 -10.82
CA LEU B 49 -4.73 -16.10 -11.09
C LEU B 49 -5.82 -16.61 -10.12
N GLY B 50 -5.47 -16.70 -8.84
CA GLY B 50 -6.42 -17.09 -7.82
C GLY B 50 -7.72 -16.30 -7.90
N ILE B 51 -7.62 -15.07 -8.38
CA ILE B 51 -8.80 -14.26 -8.61
C ILE B 51 -9.36 -14.52 -10.00
N GLY B 52 -8.60 -14.21 -11.03
CA GLY B 52 -9.08 -14.30 -12.41
C GLY B 52 -9.64 -15.65 -12.81
N VAL B 53 -8.93 -16.73 -12.45
CA VAL B 53 -9.33 -18.09 -12.80
C VAL B 53 -10.74 -18.38 -12.33
N ASN B 54 -10.96 -18.08 -11.07
CA ASN B 54 -12.21 -18.34 -10.38
C ASN B 54 -13.17 -17.12 -10.24
N LEU B 55 -12.81 -15.96 -10.81
CA LEU B 55 -13.72 -14.80 -10.78
C LEU B 55 -15.04 -15.16 -11.46
N VAL B 56 -14.98 -15.97 -12.51
CA VAL B 56 -16.18 -16.38 -13.22
C VAL B 56 -17.29 -16.91 -12.30
N THR B 57 -16.97 -17.79 -11.34
CA THR B 57 -18.02 -18.40 -10.53
C THR B 57 -18.57 -17.48 -9.46
N TYR B 58 -17.78 -16.47 -9.06
CA TYR B 58 -18.27 -15.53 -8.07
C TYR B 58 -19.48 -14.82 -8.63
N LEU B 59 -19.35 -14.45 -9.91
CA LEU B 59 -20.43 -13.82 -10.65
C LEU B 59 -21.61 -14.76 -10.93
N THR B 60 -21.38 -16.05 -11.11
CA THR B 60 -22.51 -16.96 -11.25
C THR B 60 -22.96 -17.67 -9.95
N GLY B 61 -22.15 -17.62 -8.91
CA GLY B 61 -22.54 -18.27 -7.67
C GLY B 61 -23.17 -17.36 -6.64
N THR B 62 -22.86 -16.08 -6.72
CA THR B 62 -23.30 -15.09 -5.73
C THR B 62 -24.01 -13.91 -6.42
N MET B 63 -23.33 -13.24 -7.35
CA MET B 63 -23.97 -12.23 -8.20
C MET B 63 -25.09 -12.78 -9.08
N HIS B 64 -25.17 -14.11 -9.21
CA HIS B 64 -26.25 -14.80 -9.94
C HIS B 64 -26.41 -14.34 -11.39
N LEU B 65 -25.33 -14.42 -12.16
CA LEU B 65 -25.40 -14.03 -13.56
C LEU B 65 -25.55 -15.27 -14.44
N GLY B 66 -25.77 -15.07 -15.73
CA GLY B 66 -26.39 -16.08 -16.57
C GLY B 66 -25.49 -17.09 -17.26
N ASN B 67 -24.24 -17.19 -16.79
CA ASN B 67 -23.18 -18.05 -17.33
C ASN B 67 -22.62 -17.50 -18.65
N ALA B 68 -23.43 -16.73 -19.38
CA ALA B 68 -22.96 -16.06 -20.59
C ALA B 68 -22.31 -14.73 -20.29
N THR B 69 -23.01 -13.90 -19.51
CA THR B 69 -22.55 -12.54 -19.25
C THR B 69 -21.56 -12.55 -18.10
N ALA B 70 -21.35 -13.71 -17.52
CA ALA B 70 -20.28 -13.88 -16.55
C ALA B 70 -18.96 -14.03 -17.29
N ALA B 71 -19.04 -14.69 -18.45
CA ALA B 71 -17.87 -14.91 -19.28
C ALA B 71 -17.35 -13.59 -19.84
N ASN B 72 -18.24 -12.81 -20.45
CA ASN B 72 -17.81 -11.54 -21.04
C ASN B 72 -17.21 -10.61 -19.99
N THR B 73 -17.89 -10.46 -18.85
CA THR B 73 -17.37 -9.64 -17.74
C THR B 73 -15.95 -10.03 -17.35
N VAL B 74 -15.72 -11.34 -17.22
CA VAL B 74 -14.42 -11.82 -16.81
C VAL B 74 -13.39 -11.61 -17.92
N THR B 75 -13.68 -12.00 -19.16
CA THR B 75 -12.67 -11.89 -20.22
C THR B 75 -12.33 -10.43 -20.48
N ASN B 76 -13.32 -9.56 -20.30
CA ASN B 76 -13.10 -8.12 -20.41
C ASN B 76 -12.21 -7.60 -19.29
N PHE B 77 -12.58 -7.87 -18.04
CA PHE B 77 -11.73 -7.56 -16.89
C PHE B 77 -10.32 -8.09 -17.12
N LEU B 78 -10.21 -9.31 -17.65
CA LEU B 78 -8.91 -9.89 -17.92
C LEU B 78 -8.19 -9.12 -19.01
N GLY B 79 -8.83 -8.99 -20.17
CA GLY B 79 -8.25 -8.24 -21.28
C GLY B 79 -7.96 -6.80 -20.91
N THR B 80 -8.85 -6.20 -20.14
CA THR B 80 -8.62 -4.86 -19.65
C THR B 80 -7.36 -4.87 -18.80
N SER B 81 -7.20 -5.87 -17.94
CA SER B 81 -6.03 -5.86 -17.09
C SER B 81 -4.75 -6.08 -17.92
N PHE B 82 -4.90 -6.64 -19.12
CA PHE B 82 -3.78 -6.81 -20.05
C PHE B 82 -3.46 -5.58 -20.89
N MET B 83 -4.46 -4.76 -21.20
CA MET B 83 -4.21 -3.49 -21.87
C MET B 83 -3.49 -2.54 -20.94
N LEU B 84 -3.92 -2.55 -19.68
CA LEU B 84 -3.42 -1.63 -18.66
C LEU B 84 -1.99 -1.98 -18.26
N CYS B 85 -1.60 -3.22 -18.50
CA CYS B 85 -0.22 -3.59 -18.27
C CYS B 85 0.69 -3.00 -19.33
N LEU B 86 0.18 -3.00 -20.56
CA LEU B 86 0.86 -2.43 -21.71
C LEU B 86 1.08 -0.93 -21.53
N LEU B 87 0.18 -0.28 -20.80
CA LEU B 87 0.33 1.14 -20.53
C LEU B 87 1.32 1.42 -19.40
N GLY B 88 1.25 0.61 -18.34
CA GLY B 88 2.10 0.81 -17.19
C GLY B 88 3.56 0.89 -17.59
N GLY B 89 3.96 0.03 -18.53
CA GLY B 89 5.33 -0.05 -18.99
C GLY B 89 5.73 1.21 -19.72
N PHE B 90 4.77 1.77 -20.45
CA PHE B 90 4.97 3.04 -21.10
C PHE B 90 5.12 4.16 -20.07
N ILE B 91 4.49 4.00 -18.90
CA ILE B 91 4.57 5.00 -17.83
C ILE B 91 5.87 4.85 -17.05
N ALA B 92 6.26 3.62 -16.79
CA ALA B 92 7.56 3.32 -16.23
C ALA B 92 8.66 3.95 -17.07
N ASP B 93 8.48 3.85 -18.37
CA ASP B 93 9.48 4.20 -19.33
C ASP B 93 9.55 5.69 -19.67
N THR B 94 8.39 6.29 -19.88
CA THR B 94 8.33 7.71 -20.18
C THR B 94 8.43 8.58 -18.93
N PHE B 95 7.63 8.22 -17.92
CA PHE B 95 7.34 9.17 -16.85
C PHE B 95 7.91 8.81 -15.46
N LEU B 96 7.26 7.92 -14.71
CA LEU B 96 7.77 7.59 -13.38
C LEU B 96 8.95 6.63 -13.48
N GLY B 97 9.46 6.20 -12.33
CA GLY B 97 10.53 5.23 -12.36
C GLY B 97 10.05 3.88 -12.87
N ARG B 98 10.96 2.91 -12.89
CA ARG B 98 10.59 1.53 -12.74
C ARG B 98 10.02 1.50 -11.33
N TYR B 99 10.86 1.93 -10.39
CA TYR B 99 10.59 1.89 -8.95
C TYR B 99 9.25 2.49 -8.51
N LEU B 100 9.06 3.78 -8.70
CA LEU B 100 7.85 4.34 -8.14
C LEU B 100 6.67 4.00 -9.06
N THR B 101 6.93 3.30 -10.15
CA THR B 101 5.82 2.68 -10.83
C THR B 101 5.39 1.50 -9.99
N ILE B 102 6.31 0.63 -9.64
CA ILE B 102 5.87 -0.55 -8.92
C ILE B 102 5.47 -0.20 -7.49
N ALA B 103 5.94 0.93 -6.98
CA ALA B 103 5.53 1.39 -5.64
C ALA B 103 4.14 2.00 -5.66
N ILE B 104 3.89 2.91 -6.59
CA ILE B 104 2.55 3.47 -6.77
C ILE B 104 1.51 2.39 -7.10
N PHE B 105 1.82 1.45 -7.99
CA PHE B 105 0.74 0.62 -8.53
C PHE B 105 0.45 -0.61 -7.68
N ALA B 106 1.35 -0.92 -6.73
CA ALA B 106 1.06 -2.01 -5.82
C ALA B 106 0.09 -1.48 -4.78
N ALA B 107 0.27 -0.23 -4.38
CA ALA B 107 -0.63 0.42 -3.41
C ALA B 107 -2.05 0.46 -3.95
N ILE B 108 -2.15 0.72 -5.25
CA ILE B 108 -3.42 0.77 -5.96
C ILE B 108 -4.07 -0.61 -6.05
N GLN B 109 -3.26 -1.58 -6.50
CA GLN B 109 -3.65 -2.97 -6.49
C GLN B 109 -4.25 -3.30 -5.13
N ALA B 110 -3.57 -2.83 -4.09
CA ALA B 110 -4.01 -3.12 -2.73
C ALA B 110 -5.43 -2.62 -2.42
N THR B 111 -5.82 -1.42 -2.82
CA THR B 111 -7.18 -0.98 -2.47
C THR B 111 -8.20 -1.66 -3.33
N GLY B 112 -7.86 -1.92 -4.58
CA GLY B 112 -8.80 -2.62 -5.42
C GLY B 112 -9.20 -3.93 -4.76
N VAL B 113 -8.17 -4.72 -4.40
CA VAL B 113 -8.37 -6.03 -3.78
C VAL B 113 -8.90 -5.90 -2.34
N SER B 114 -8.73 -4.72 -1.74
CA SER B 114 -9.40 -4.41 -0.48
C SER B 114 -10.87 -4.12 -0.69
N ILE B 115 -11.15 -3.20 -1.63
CA ILE B 115 -12.53 -2.89 -2.00
C ILE B 115 -13.25 -4.17 -2.43
N LEU B 116 -12.54 -5.05 -3.15
CA LEU B 116 -13.12 -6.35 -3.52
C LEU B 116 -13.47 -7.23 -2.28
N THR B 117 -12.49 -7.45 -1.40
CA THR B 117 -12.71 -8.26 -0.22
C THR B 117 -13.86 -7.66 0.53
N LEU B 118 -13.86 -6.33 0.59
CA LEU B 118 -14.91 -5.59 1.25
C LEU B 118 -16.30 -5.89 0.65
N SER B 119 -16.38 -5.94 -0.69
CA SER B 119 -17.67 -6.06 -1.36
C SER B 119 -18.35 -7.38 -1.02
N THR B 120 -17.57 -8.39 -0.63
CA THR B 120 -18.12 -9.71 -0.30
C THR B 120 -18.51 -9.83 1.16
N ILE B 121 -18.37 -8.73 1.91
CA ILE B 121 -18.56 -8.78 3.35
C ILE B 121 -19.74 -7.97 3.81
N ILE B 122 -19.71 -6.66 3.54
CA ILE B 122 -20.76 -5.77 3.99
C ILE B 122 -22.10 -6.28 3.42
N PRO B 123 -23.13 -6.33 4.28
CA PRO B 123 -24.39 -6.96 3.89
C PRO B 123 -25.24 -6.15 2.90
N GLY B 124 -26.06 -6.86 2.12
CA GLY B 124 -27.02 -6.23 1.23
C GLY B 124 -26.31 -5.66 0.02
N LEU B 125 -25.00 -5.86 0.02
CA LEU B 125 -24.14 -5.43 -1.08
C LEU B 125 -23.89 -6.60 -2.03
N ARG B 126 -24.59 -7.71 -1.80
CA ARG B 126 -24.72 -8.81 -2.76
C ARG B 126 -26.16 -9.31 -2.62
N PRO B 127 -26.74 -9.80 -3.73
CA PRO B 127 -28.12 -10.27 -3.72
C PRO B 127 -28.28 -11.45 -2.79
N PRO B 128 -29.42 -11.53 -2.11
CA PRO B 128 -29.77 -12.60 -1.15
C PRO B 128 -29.48 -13.98 -1.72
N ARG B 129 -28.98 -14.87 -0.86
CA ARG B 129 -28.33 -16.11 -1.28
C ARG B 129 -29.22 -17.16 -1.95
N CYS B 130 -28.69 -17.80 -2.99
CA CYS B 130 -29.31 -18.96 -3.66
C CYS B 130 -28.46 -19.48 -4.82
N ASN B 131 -28.85 -20.63 -5.38
CA ASN B 131 -28.13 -21.25 -6.51
C ASN B 131 -28.92 -21.26 -7.81
N PRO B 132 -28.37 -20.65 -8.88
CA PRO B 132 -29.02 -20.65 -10.19
C PRO B 132 -29.15 -22.02 -10.92
N THR B 133 -28.08 -22.83 -11.01
CA THR B 133 -28.11 -24.00 -11.89
C THR B 133 -28.89 -25.19 -11.28
N THR B 134 -29.89 -25.67 -12.03
CA THR B 134 -30.74 -26.81 -11.66
C THR B 134 -31.58 -26.56 -10.39
N SER B 135 -31.37 -25.41 -9.73
CA SER B 135 -32.07 -25.08 -8.48
C SER B 135 -33.11 -23.94 -8.55
N SER B 136 -32.68 -22.70 -8.80
CA SER B 136 -33.62 -21.56 -8.85
C SER B 136 -33.10 -20.33 -9.64
N HIS B 137 -33.79 -19.19 -9.48
CA HIS B 137 -33.34 -17.89 -10.03
C HIS B 137 -33.57 -16.74 -9.04
N CYS B 138 -32.53 -15.92 -8.81
CA CYS B 138 -32.58 -14.99 -7.68
C CYS B 138 -32.05 -13.54 -7.87
N GLU B 139 -32.95 -12.56 -7.77
CA GLU B 139 -32.60 -11.16 -7.49
C GLU B 139 -31.73 -10.45 -8.52
N GLN B 140 -31.26 -11.19 -9.53
CA GLN B 140 -30.19 -10.71 -10.41
C GLN B 140 -29.05 -10.26 -9.52
N ALA B 141 -28.57 -9.05 -9.76
CA ALA B 141 -27.75 -8.32 -8.80
C ALA B 141 -28.10 -6.84 -8.93
N SER B 142 -28.31 -6.18 -7.79
CA SER B 142 -28.70 -4.78 -7.79
C SER B 142 -27.68 -3.99 -8.59
N GLY B 143 -28.13 -2.92 -9.22
CA GLY B 143 -27.24 -1.97 -9.88
C GLY B 143 -26.28 -1.31 -8.89
N ILE B 144 -26.63 -1.29 -7.60
CA ILE B 144 -25.68 -0.78 -6.64
C ILE B 144 -24.55 -1.78 -6.49
N GLN B 145 -24.91 -3.04 -6.23
CA GLN B 145 -23.94 -4.02 -5.79
C GLN B 145 -23.08 -4.49 -6.93
N LEU B 146 -23.42 -4.07 -8.14
CA LEU B 146 -22.58 -4.39 -9.28
C LEU B 146 -21.51 -3.34 -9.57
N THR B 147 -21.68 -2.13 -9.01
CA THR B 147 -20.74 -1.06 -9.29
C THR B 147 -19.49 -1.14 -8.43
N VAL B 148 -19.62 -1.53 -7.17
CA VAL B 148 -18.43 -1.80 -6.37
C VAL B 148 -17.63 -3.00 -6.92
N LEU B 149 -18.31 -4.10 -7.28
CA LEU B 149 -17.59 -5.22 -7.87
C LEU B 149 -16.83 -4.72 -9.11
N TYR B 150 -17.36 -3.73 -9.81
CA TYR B 150 -16.66 -3.24 -11.00
C TYR B 150 -15.44 -2.39 -10.63
N LEU B 151 -15.68 -1.28 -9.94
CA LEU B 151 -14.61 -0.40 -9.50
C LEU B 151 -13.49 -1.23 -8.88
N ALA B 152 -13.83 -2.17 -7.98
CA ALA B 152 -12.79 -2.97 -7.29
C ALA B 152 -12.07 -3.88 -8.27
N LEU B 153 -12.84 -4.53 -9.12
CA LEU B 153 -12.26 -5.36 -10.15
C LEU B 153 -11.30 -4.52 -10.96
N TYR B 154 -11.80 -3.39 -11.42
CA TYR B 154 -11.09 -2.61 -12.42
C TYR B 154 -9.94 -1.85 -11.81
N LEU B 155 -10.07 -1.53 -10.54
CA LEU B 155 -8.95 -1.01 -9.80
C LEU B 155 -7.87 -2.05 -9.69
N THR B 156 -8.25 -3.25 -9.25
CA THR B 156 -7.33 -4.38 -9.20
C THR B 156 -6.74 -4.61 -10.58
N ALA B 157 -7.59 -4.53 -11.60
CA ALA B 157 -7.12 -4.68 -12.98
C ALA B 157 -5.97 -3.72 -13.22
N LEU B 158 -6.18 -2.44 -12.87
CA LEU B 158 -5.17 -1.42 -13.03
C LEU B 158 -3.95 -1.64 -12.17
N GLY B 159 -4.16 -2.01 -10.92
CA GLY B 159 -3.03 -2.24 -10.03
C GLY B 159 -2.14 -3.36 -10.54
N THR B 160 -2.72 -4.54 -10.74
CA THR B 160 -1.96 -5.67 -11.26
C THR B 160 -1.34 -5.28 -12.60
N GLY B 161 -2.06 -4.46 -13.36
CA GLY B 161 -1.58 -3.99 -14.65
C GLY B 161 -0.24 -3.27 -14.58
N GLY B 162 -0.18 -2.21 -13.76
CA GLY B 162 1.02 -1.42 -13.62
C GLY B 162 2.25 -2.13 -13.04
N VAL B 163 2.05 -2.98 -12.04
CA VAL B 163 3.22 -3.63 -11.44
C VAL B 163 3.65 -4.80 -12.25
N LYS B 164 2.73 -5.46 -12.96
CA LYS B 164 3.12 -6.56 -13.84
C LYS B 164 4.19 -6.03 -14.81
N ALA B 165 4.01 -4.77 -15.20
CA ALA B 165 4.90 -4.09 -16.13
C ALA B 165 6.29 -3.83 -15.58
N SER B 166 6.38 -3.21 -14.42
CA SER B 166 7.71 -2.81 -13.97
C SER B 166 8.38 -3.52 -12.82
N VAL B 167 7.68 -4.39 -12.11
CA VAL B 167 8.31 -4.94 -10.92
C VAL B 167 9.40 -5.94 -11.34
N SER B 168 9.21 -6.59 -12.48
CA SER B 168 10.19 -7.55 -12.95
C SER B 168 11.52 -6.90 -13.28
N GLY B 169 11.48 -5.90 -14.16
CA GLY B 169 12.68 -5.22 -14.61
C GLY B 169 13.52 -4.63 -13.49
N PHE B 170 12.86 -4.18 -12.43
CA PHE B 170 13.51 -3.46 -11.35
C PHE B 170 14.28 -4.41 -10.46
N GLY B 171 13.73 -5.61 -10.25
CA GLY B 171 14.33 -6.58 -9.36
C GLY B 171 15.66 -7.10 -9.88
N SER B 172 15.84 -7.03 -11.20
CA SER B 172 17.04 -7.49 -11.88
C SER B 172 18.06 -6.36 -12.08
N ASP B 173 17.66 -5.13 -11.77
CA ASP B 173 18.60 -4.02 -11.74
C ASP B 173 19.56 -4.25 -10.58
N GLN B 174 19.18 -5.15 -9.67
CA GLN B 174 19.91 -5.40 -8.43
C GLN B 174 21.11 -6.30 -8.61
N PHE B 175 21.38 -6.72 -9.84
CA PHE B 175 22.50 -7.59 -10.08
C PHE B 175 23.47 -7.06 -11.12
N ASP B 176 23.04 -6.83 -12.35
CA ASP B 176 24.03 -7.01 -13.41
C ASP B 176 24.91 -5.81 -13.66
N GLU B 177 26.09 -5.89 -13.07
CA GLU B 177 27.24 -5.16 -13.55
C GLU B 177 27.75 -6.17 -14.54
N THR B 178 28.29 -5.73 -15.68
CA THR B 178 28.68 -6.65 -16.72
C THR B 178 29.58 -7.72 -16.12
N GLU B 179 30.24 -7.37 -15.02
CA GLU B 179 31.08 -8.26 -14.23
C GLU B 179 30.39 -9.59 -13.86
N PRO B 180 31.09 -10.72 -14.07
CA PRO B 180 30.56 -12.10 -14.00
C PRO B 180 30.07 -12.60 -12.63
N LYS B 181 30.82 -12.35 -11.56
CA LYS B 181 30.49 -12.88 -10.23
C LYS B 181 29.10 -12.41 -9.77
N GLU B 182 28.71 -11.20 -10.15
CA GLU B 182 27.35 -10.77 -9.88
C GLU B 182 26.40 -11.53 -10.78
N ARG B 183 26.66 -11.53 -12.09
CA ARG B 183 25.83 -12.29 -13.04
C ARG B 183 25.67 -13.73 -12.61
N SER B 184 26.71 -14.26 -11.95
CA SER B 184 26.67 -15.60 -11.39
C SER B 184 25.78 -15.66 -10.15
N LYS B 185 25.89 -14.67 -9.27
CA LYS B 185 25.03 -14.59 -8.08
C LYS B 185 23.57 -14.52 -8.52
N MET B 186 23.32 -13.79 -9.61
CA MET B 186 21.99 -13.60 -10.19
C MET B 186 21.35 -14.85 -10.78
N THR B 187 22.04 -15.47 -11.73
CA THR B 187 21.53 -16.66 -12.39
C THR B 187 21.34 -17.75 -11.34
N TYR B 188 22.20 -17.73 -10.34
CA TYR B 188 22.08 -18.60 -9.18
C TYR B 188 20.76 -18.32 -8.47
N PHE B 189 20.44 -17.04 -8.30
CA PHE B 189 19.25 -16.65 -7.54
C PHE B 189 17.92 -17.03 -8.18
N PHE B 190 17.78 -16.79 -9.48
CA PHE B 190 16.47 -16.90 -10.15
C PHE B 190 15.99 -18.31 -10.46
N ASN B 191 16.87 -19.21 -10.91
CA ASN B 191 16.46 -20.60 -11.14
C ASN B 191 15.88 -21.22 -9.89
N ARG B 192 16.28 -20.70 -8.74
CA ARG B 192 15.73 -21.11 -7.46
C ARG B 192 14.44 -20.36 -7.18
N PHE B 193 14.28 -19.21 -7.82
CA PHE B 193 13.11 -18.34 -7.60
C PHE B 193 11.89 -18.74 -8.41
N PHE B 194 12.10 -19.19 -9.62
CA PHE B 194 10.99 -19.53 -10.48
C PHE B 194 10.39 -20.88 -10.12
N PHE B 195 11.20 -21.79 -9.58
CA PHE B 195 10.67 -23.08 -9.14
C PHE B 195 9.56 -22.77 -8.18
N CYS B 196 9.81 -21.76 -7.35
CA CYS B 196 8.80 -21.27 -6.44
C CYS B 196 7.55 -20.80 -7.16
N ILE B 197 7.65 -19.72 -7.94
CA ILE B 197 6.49 -19.17 -8.66
C ILE B 197 5.72 -20.27 -9.37
N ASN B 198 6.46 -21.17 -10.01
CA ASN B 198 5.86 -22.33 -10.61
C ASN B 198 5.09 -23.16 -9.57
N VAL B 199 5.82 -23.79 -8.65
CA VAL B 199 5.23 -24.55 -7.56
C VAL B 199 4.18 -23.74 -6.80
N GLY B 200 4.42 -22.43 -6.72
CA GLY B 200 3.47 -21.51 -6.10
C GLY B 200 2.25 -21.12 -6.92
N SER B 201 2.41 -21.06 -8.22
CA SER B 201 1.26 -20.83 -9.07
C SER B 201 0.36 -22.07 -9.05
N LEU B 202 0.97 -23.26 -9.09
CA LEU B 202 0.24 -24.52 -8.92
C LEU B 202 -0.60 -24.49 -7.66
N LEU B 203 -0.07 -23.79 -6.64
CA LEU B 203 -0.76 -23.63 -5.37
C LEU B 203 -2.00 -22.78 -5.57
N ALA B 204 -1.85 -21.67 -6.27
CA ALA B 204 -2.93 -20.69 -6.35
C ALA B 204 -4.15 -21.16 -7.14
N VAL B 205 -3.96 -22.00 -8.15
CA VAL B 205 -5.15 -22.50 -8.85
C VAL B 205 -5.73 -23.73 -8.14
N THR B 206 -5.13 -24.12 -7.02
CA THR B 206 -5.69 -25.20 -6.20
C THR B 206 -6.02 -24.71 -4.78
N VAL B 207 -4.99 -24.57 -3.94
CA VAL B 207 -5.19 -24.18 -2.56
C VAL B 207 -5.93 -22.85 -2.42
N LEU B 208 -5.45 -21.81 -3.07
CA LEU B 208 -6.08 -20.49 -2.97
C LEU B 208 -7.51 -20.58 -3.53
N VAL B 209 -7.66 -21.26 -4.66
CA VAL B 209 -8.98 -21.50 -5.23
C VAL B 209 -9.86 -22.27 -4.23
N TYR B 210 -9.22 -23.14 -3.46
CA TYR B 210 -9.93 -23.94 -2.44
C TYR B 210 -10.58 -23.04 -1.41
N VAL B 211 -9.80 -22.09 -0.89
CA VAL B 211 -10.28 -21.18 0.14
C VAL B 211 -11.48 -20.36 -0.31
N GLN B 212 -11.37 -19.67 -1.46
CA GLN B 212 -12.43 -18.74 -1.83
C GLN B 212 -13.67 -19.53 -2.18
N ASP B 213 -13.48 -20.78 -2.59
CA ASP B 213 -14.59 -21.66 -2.91
C ASP B 213 -15.27 -22.31 -1.69
N ASP B 214 -14.48 -22.84 -0.75
CA ASP B 214 -15.00 -23.60 0.39
C ASP B 214 -15.22 -22.74 1.63
N VAL B 215 -14.13 -22.16 2.14
CA VAL B 215 -14.15 -21.25 3.30
C VAL B 215 -15.01 -20.01 3.02
N GLY B 216 -14.73 -19.33 1.91
CA GLY B 216 -15.60 -18.29 1.40
C GLY B 216 -14.81 -17.23 0.68
N ARG B 217 -15.50 -16.27 0.07
CA ARG B 217 -14.84 -15.21 -0.68
C ARG B 217 -14.06 -14.25 0.20
N LYS B 218 -14.67 -13.83 1.29
CA LYS B 218 -14.06 -12.84 2.17
C LYS B 218 -12.66 -13.28 2.55
N TRP B 219 -12.51 -14.51 3.03
CA TRP B 219 -11.20 -15.04 3.36
C TRP B 219 -10.34 -15.16 2.12
N GLY B 220 -10.95 -15.68 1.06
CA GLY B 220 -10.23 -15.98 -0.15
C GLY B 220 -9.61 -14.76 -0.78
N TYR B 221 -10.40 -13.70 -0.91
CA TYR B 221 -9.87 -12.45 -1.43
C TYR B 221 -9.13 -11.68 -0.33
N GLY B 222 -9.45 -11.99 0.92
CA GLY B 222 -8.81 -11.34 2.05
C GLY B 222 -7.35 -11.66 2.18
N ILE B 223 -7.01 -12.94 2.14
CA ILE B 223 -5.62 -13.38 2.24
C ILE B 223 -4.81 -12.76 1.10
N CYS B 224 -5.47 -12.46 -0.02
CA CYS B 224 -4.84 -11.75 -1.13
C CYS B 224 -4.48 -10.32 -0.84
N ALA B 225 -5.49 -9.55 -0.41
CA ALA B 225 -5.32 -8.14 -0.10
C ALA B 225 -4.25 -7.97 0.97
N PHE B 226 -4.29 -8.82 1.99
CA PHE B 226 -3.26 -8.78 3.00
C PHE B 226 -1.85 -9.06 2.43
N ALA B 227 -1.76 -9.99 1.48
CA ALA B 227 -0.49 -10.30 0.85
C ALA B 227 0.14 -9.08 0.15
N ILE B 228 -0.64 -8.34 -0.63
CA ILE B 228 -0.07 -7.17 -1.29
C ILE B 228 0.27 -6.05 -0.29
N VAL B 229 -0.57 -5.85 0.72
CA VAL B 229 -0.24 -4.86 1.77
C VAL B 229 1.01 -5.28 2.55
N LEU B 230 1.24 -6.58 2.71
CA LEU B 230 2.45 -7.02 3.38
C LEU B 230 3.63 -6.78 2.47
N ALA B 231 3.52 -7.27 1.25
CA ALA B 231 4.60 -7.21 0.26
C ALA B 231 5.10 -5.78 0.00
N LEU B 232 4.16 -4.84 -0.09
CA LEU B 232 4.46 -3.49 -0.51
C LEU B 232 5.29 -2.81 0.55
N SER B 233 5.07 -3.22 1.79
CA SER B 233 5.82 -2.67 2.91
C SER B 233 7.19 -3.32 2.98
N VAL B 234 7.29 -4.57 2.56
CA VAL B 234 8.61 -5.15 2.43
C VAL B 234 9.37 -4.39 1.33
N PHE B 235 8.71 -4.19 0.19
CA PHE B 235 9.32 -3.47 -0.93
C PHE B 235 9.86 -2.12 -0.49
N LEU B 236 8.99 -1.23 -0.06
CA LEU B 236 9.40 0.09 0.44
C LEU B 236 10.52 0.02 1.49
N ALA B 237 10.47 -0.97 2.38
CA ALA B 237 11.49 -1.10 3.43
C ALA B 237 12.87 -1.40 2.84
N GLY B 238 12.89 -1.92 1.61
CA GLY B 238 14.16 -2.13 0.94
C GLY B 238 14.64 -0.96 0.11
N THR B 239 13.91 0.17 0.12
CA THR B 239 14.16 1.29 -0.81
C THR B 239 15.60 1.72 -0.88
N ASN B 240 16.21 1.98 0.28
CA ASN B 240 17.59 2.43 0.31
C ASN B 240 18.60 1.34 -0.14
N ARG B 241 18.28 0.09 0.15
CA ARG B 241 19.09 -1.06 -0.23
C ARG B 241 19.26 -1.15 -1.76
N TYR B 242 18.31 -0.59 -2.52
CA TYR B 242 18.26 -0.72 -3.98
C TYR B 242 19.15 0.25 -4.77
N ARG B 243 19.48 -0.17 -6.00
CA ARG B 243 20.18 0.68 -6.97
C ARG B 243 19.32 0.90 -8.23
N PHE B 244 19.36 2.13 -8.75
CA PHE B 244 18.27 2.64 -9.58
C PHE B 244 18.56 2.87 -11.07
N LYS B 245 17.60 2.43 -11.88
CA LYS B 245 17.61 2.58 -13.33
C LYS B 245 17.37 4.04 -13.75
N LYS B 246 17.85 4.40 -14.94
CA LYS B 246 17.78 5.79 -15.40
C LYS B 246 16.58 6.21 -16.29
N LEU B 247 15.50 5.43 -16.34
CA LEU B 247 14.37 5.60 -17.29
C LEU B 247 14.64 5.22 -18.75
N ILE B 248 14.72 3.92 -19.03
CA ILE B 248 14.64 3.38 -20.39
C ILE B 248 13.41 3.94 -21.10
N GLY B 249 13.55 4.45 -22.32
CA GLY B 249 12.40 5.03 -23.00
C GLY B 249 11.53 4.03 -23.74
N SER B 250 10.22 4.27 -23.80
CA SER B 250 9.34 3.38 -24.55
C SER B 250 9.55 3.61 -26.04
N PRO B 251 9.79 2.55 -26.79
CA PRO B 251 9.96 2.74 -28.23
C PRO B 251 8.63 3.10 -28.89
N MET B 252 7.53 2.83 -28.17
CA MET B 252 6.17 3.09 -28.65
C MET B 252 5.99 4.58 -28.95
N THR B 253 6.93 5.39 -28.48
CA THR B 253 6.89 6.87 -28.62
C THR B 253 7.04 7.39 -30.06
N GLN B 254 8.06 6.92 -30.76
CA GLN B 254 8.32 7.38 -32.12
C GLN B 254 7.41 6.69 -33.12
N VAL B 255 6.87 5.55 -32.73
CA VAL B 255 5.83 4.92 -33.53
C VAL B 255 4.65 5.90 -33.54
N ALA B 256 4.39 6.54 -32.41
CA ALA B 256 3.40 7.59 -32.34
C ALA B 256 3.84 8.85 -33.12
N ALA B 257 5.15 9.10 -33.18
CA ALA B 257 5.68 10.34 -33.73
C ALA B 257 5.97 10.30 -35.23
N VAL B 258 5.60 9.20 -35.88
CA VAL B 258 5.62 9.15 -37.35
C VAL B 258 4.19 8.80 -37.79
N ILE B 259 3.56 7.77 -37.20
CA ILE B 259 2.13 7.52 -37.47
C ILE B 259 1.33 8.84 -37.32
N VAL B 260 1.73 9.71 -36.40
CA VAL B 260 1.07 11.03 -36.26
C VAL B 260 1.84 12.16 -36.92
N ALA B 261 3.08 12.41 -36.51
CA ALA B 261 3.82 13.59 -37.02
C ALA B 261 4.15 13.53 -38.52
N ALA B 262 3.93 12.39 -39.17
CA ALA B 262 3.91 12.34 -40.63
C ALA B 262 2.48 12.41 -41.20
N TRP B 263 1.49 12.37 -40.32
CA TRP B 263 0.10 12.58 -40.71
C TRP B 263 -0.21 14.07 -40.81
N ARG B 264 0.28 14.83 -39.82
CA ARG B 264 0.04 16.27 -39.75
C ARG B 264 0.54 16.97 -41.01
N ASN B 265 1.55 16.39 -41.66
CA ASN B 265 1.88 16.84 -43.01
C ASN B 265 1.58 15.73 -44.03
N ARG B 266 0.52 15.95 -44.78
CA ARG B 266 0.25 15.18 -45.99
C ARG B 266 0.24 16.15 -47.18
N LYS B 267 1.28 16.07 -48.00
CA LYS B 267 1.64 17.12 -48.96
C LYS B 267 2.44 16.53 -50.14
N LEU B 268 3.10 17.39 -50.91
CA LEU B 268 3.79 16.96 -52.13
C LEU B 268 4.72 15.77 -51.88
N GLU B 269 4.58 14.74 -52.70
CA GLU B 269 5.29 13.45 -52.54
C GLU B 269 6.79 13.62 -52.33
N LEU B 270 7.37 14.57 -53.07
CA LEU B 270 8.79 14.89 -52.92
C LEU B 270 9.70 13.68 -53.11
N PRO B 271 9.57 12.98 -54.24
CA PRO B 271 10.49 11.87 -54.50
C PRO B 271 11.58 12.33 -55.44
N ALA B 272 12.69 12.69 -54.80
CA ALA B 272 13.94 13.08 -55.43
C ALA B 272 14.81 11.84 -55.42
N ASP B 273 14.17 10.69 -55.16
CA ASP B 273 14.70 9.60 -54.35
C ASP B 273 14.68 10.02 -52.87
N PRO B 274 15.84 10.14 -52.25
CA PRO B 274 15.90 10.70 -50.91
C PRO B 274 16.75 11.97 -50.86
N SER B 275 16.19 13.00 -50.23
CA SER B 275 16.91 14.22 -49.89
C SER B 275 17.45 14.01 -48.49
N TYR B 276 18.60 14.57 -48.17
CA TYR B 276 19.20 14.35 -46.86
C TYR B 276 19.27 15.61 -45.99
N LEU B 277 19.26 15.42 -44.68
CA LEU B 277 19.68 16.47 -43.75
C LEU B 277 20.81 15.92 -42.87
N TYR B 278 20.43 15.12 -41.89
CA TYR B 278 21.38 14.20 -41.28
C TYR B 278 20.93 12.82 -41.74
N ASP B 279 19.85 12.33 -41.11
CA ASP B 279 19.09 11.21 -41.67
C ASP B 279 17.73 11.59 -42.36
N VAL B 280 17.32 12.85 -42.28
CA VAL B 280 15.96 13.27 -42.71
C VAL B 280 15.82 13.41 -44.23
N ASP B 281 14.58 13.33 -44.72
CA ASP B 281 14.34 13.52 -46.16
C ASP B 281 14.29 15.02 -46.49
N ALA B 308 12.05 20.44 -44.02
CA ALA B 308 11.80 19.64 -45.22
C ALA B 308 10.50 18.86 -45.04
N ALA B 309 10.56 17.56 -45.29
CA ALA B 309 9.44 16.64 -45.01
C ALA B 309 9.95 15.22 -44.81
N ILE B 310 9.18 14.43 -44.06
CA ILE B 310 9.19 12.96 -44.21
C ILE B 310 7.77 12.43 -43.97
N ARG B 311 7.30 11.59 -44.91
CA ARG B 311 5.94 11.07 -44.90
C ARG B 311 5.92 9.55 -45.12
N ASP B 312 4.89 8.89 -44.54
CA ASP B 312 4.76 7.43 -44.62
C ASP B 312 3.91 6.96 -45.82
N GLN B 313 4.63 6.36 -46.77
CA GLN B 313 4.08 5.73 -47.97
C GLN B 313 3.98 4.21 -47.86
N GLU B 314 4.34 3.65 -46.70
CA GLU B 314 4.64 2.22 -46.57
C GLU B 314 5.60 1.83 -47.71
N ALA B 315 5.21 0.86 -48.54
CA ALA B 315 6.08 0.36 -49.61
C ALA B 315 7.51 0.05 -49.13
N GLY B 316 8.51 0.65 -49.78
CA GLY B 316 9.90 0.47 -49.35
C GLY B 316 10.85 1.62 -49.70
N VAL B 317 11.82 1.82 -48.80
CA VAL B 317 13.10 2.51 -49.03
C VAL B 317 14.03 1.86 -47.98
N THR B 318 15.26 2.32 -47.81
CA THR B 318 16.10 1.79 -46.72
C THR B 318 17.10 2.82 -46.20
N SER B 319 17.32 2.87 -44.87
CA SER B 319 18.18 3.90 -44.26
C SER B 319 18.87 3.47 -42.97
N ASN B 320 20.10 3.93 -42.77
CA ASN B 320 20.87 3.57 -41.57
C ASN B 320 21.63 4.74 -40.96
N VAL B 321 21.56 4.83 -39.62
CA VAL B 321 22.16 5.91 -38.86
C VAL B 321 22.59 5.40 -37.49
N PHE B 322 22.92 6.31 -36.57
CA PHE B 322 23.30 5.91 -35.21
C PHE B 322 22.88 6.97 -34.20
N TRP B 325 5.37 15.69 -33.22
CA TRP B 325 6.80 15.73 -32.91
C TRP B 325 7.58 16.55 -33.91
N THR B 326 6.89 17.52 -34.52
CA THR B 326 7.35 18.27 -35.71
C THR B 326 7.64 17.31 -36.88
N LEU B 327 8.73 17.55 -37.60
CA LEU B 327 9.12 16.70 -38.74
C LEU B 327 9.74 15.37 -38.28
N SER B 328 9.74 14.37 -39.18
CA SER B 328 10.30 13.06 -38.85
C SER B 328 11.55 12.72 -39.69
N THR B 329 12.46 11.94 -39.12
CA THR B 329 13.64 11.47 -39.84
C THR B 329 13.34 10.16 -40.57
N LEU B 330 13.92 10.01 -41.76
CA LEU B 330 13.63 8.86 -42.61
C LEU B 330 14.13 7.55 -42.00
N THR B 331 15.28 7.58 -41.34
CA THR B 331 15.80 6.37 -40.72
C THR B 331 14.88 5.97 -39.56
N ASP B 332 14.18 6.97 -39.03
CA ASP B 332 13.12 6.72 -38.04
C ASP B 332 11.84 6.19 -38.70
N VAL B 333 11.48 6.77 -39.84
CA VAL B 333 10.28 6.34 -40.58
C VAL B 333 10.37 4.88 -40.91
N GLU B 334 11.46 4.47 -41.56
CA GLU B 334 11.66 3.08 -41.94
C GLU B 334 11.59 2.09 -40.77
N GLU B 335 12.10 2.46 -39.60
CA GLU B 335 12.09 1.55 -38.45
C GLU B 335 10.66 1.22 -38.05
N VAL B 336 9.78 2.19 -38.25
CA VAL B 336 8.38 1.99 -37.94
C VAL B 336 7.86 0.99 -38.93
N LYS B 337 8.30 1.15 -40.17
CA LYS B 337 7.78 0.31 -41.24
C LYS B 337 8.10 -1.16 -41.01
N GLN B 338 9.25 -1.46 -40.40
CA GLN B 338 9.57 -2.84 -40.04
C GLN B 338 8.59 -3.34 -38.98
N ILE B 339 8.14 -2.44 -38.09
CA ILE B 339 7.14 -2.80 -37.09
C ILE B 339 5.87 -3.23 -37.80
N VAL B 340 5.58 -2.56 -38.92
CA VAL B 340 4.37 -2.85 -39.67
C VAL B 340 4.44 -4.19 -40.44
N ARG B 341 5.64 -4.59 -40.90
CA ARG B 341 5.84 -5.89 -41.53
C ARG B 341 5.46 -7.04 -40.59
N MET B 342 5.62 -6.80 -39.28
CA MET B 342 5.38 -7.81 -38.25
C MET B 342 3.90 -7.90 -37.91
N LEU B 343 3.14 -6.93 -38.36
CA LEU B 343 1.73 -6.80 -37.99
C LEU B 343 0.78 -7.92 -38.44
N PRO B 344 0.96 -8.45 -39.68
CA PRO B 344 -0.04 -9.47 -40.02
C PRO B 344 0.13 -10.72 -39.18
N ILE B 345 1.36 -11.17 -38.96
CA ILE B 345 1.57 -12.32 -38.09
C ILE B 345 1.07 -11.99 -36.66
N TRP B 346 1.28 -10.74 -36.23
CA TRP B 346 0.69 -10.19 -35.01
C TRP B 346 -0.81 -10.44 -34.96
N ALA B 347 -1.50 -10.21 -36.07
CA ALA B 347 -2.94 -10.40 -36.13
C ALA B 347 -3.36 -11.84 -35.88
N THR B 348 -2.70 -12.79 -36.54
CA THR B 348 -3.14 -14.19 -36.47
C THR B 348 -2.88 -14.86 -35.10
N CYS B 349 -2.21 -14.14 -34.20
CA CYS B 349 -2.01 -14.61 -32.84
C CYS B 349 -3.21 -14.42 -31.94
N ILE B 350 -3.97 -13.35 -32.18
CA ILE B 350 -5.04 -12.95 -31.30
C ILE B 350 -5.99 -14.09 -30.96
N LEU B 351 -6.33 -14.89 -31.99
CA LEU B 351 -7.36 -15.92 -31.85
C LEU B 351 -6.95 -17.09 -30.96
N PHE B 352 -5.66 -17.34 -30.80
CA PHE B 352 -5.24 -18.36 -29.84
C PHE B 352 -5.77 -17.95 -28.49
N TRP B 353 -5.52 -16.68 -28.14
CA TRP B 353 -5.83 -16.18 -26.81
C TRP B 353 -7.31 -16.19 -26.50
N THR B 354 -8.12 -16.14 -27.56
CA THR B 354 -9.55 -16.42 -27.45
C THR B 354 -9.81 -17.82 -26.95
N VAL B 355 -9.14 -18.82 -27.55
CA VAL B 355 -9.19 -20.20 -27.08
C VAL B 355 -8.81 -20.30 -25.61
N HIS B 356 -7.68 -19.68 -25.27
CA HIS B 356 -7.24 -19.58 -23.88
C HIS B 356 -8.30 -18.92 -22.99
N ALA B 357 -9.04 -17.96 -23.55
CA ALA B 357 -10.01 -17.24 -22.75
C ALA B 357 -11.17 -18.15 -22.38
N GLN B 358 -11.37 -19.20 -23.17
CA GLN B 358 -12.46 -20.15 -22.91
C GLN B 358 -12.16 -20.99 -21.68
N LEU B 359 -10.89 -21.28 -21.47
CA LEU B 359 -10.45 -22.00 -20.27
C LEU B 359 -10.82 -21.34 -18.95
N THR B 360 -10.79 -20.00 -18.88
CA THR B 360 -11.04 -19.31 -17.62
C THR B 360 -12.52 -19.11 -17.33
N THR B 361 -13.37 -19.24 -18.34
CA THR B 361 -14.78 -18.93 -18.17
C THR B 361 -15.68 -20.15 -18.39
N LEU B 362 -15.79 -20.59 -19.64
CA LEU B 362 -16.74 -21.63 -20.02
C LEU B 362 -16.41 -23.02 -19.50
N SER B 363 -15.16 -23.43 -19.62
CA SER B 363 -14.79 -24.75 -19.12
C SER B 363 -14.97 -24.81 -17.60
N VAL B 364 -15.19 -23.67 -16.95
CA VAL B 364 -15.57 -23.70 -15.54
C VAL B 364 -17.06 -24.04 -15.41
N ALA B 365 -17.89 -23.36 -16.19
CA ALA B 365 -19.34 -23.56 -16.14
C ALA B 365 -19.70 -25.01 -16.46
N GLN B 366 -18.86 -25.66 -17.27
CA GLN B 366 -19.09 -27.05 -17.60
C GLN B 366 -18.24 -27.94 -16.72
N SER B 367 -17.45 -27.34 -15.83
CA SER B 367 -16.95 -28.14 -14.73
C SER B 367 -17.94 -28.00 -13.57
N GLU B 368 -18.86 -27.04 -13.69
CA GLU B 368 -19.90 -26.86 -12.69
C GLU B 368 -20.92 -27.98 -12.80
N THR B 369 -21.14 -28.43 -14.03
CA THR B 369 -21.89 -29.67 -14.23
C THR B 369 -20.93 -30.75 -14.71
N LEU B 370 -20.51 -31.58 -13.76
CA LEU B 370 -19.61 -32.71 -13.95
C LEU B 370 -19.55 -33.38 -12.60
N ASP B 371 -18.77 -34.44 -12.42
CA ASP B 371 -18.77 -35.10 -11.11
C ASP B 371 -17.89 -34.40 -10.08
N ARG B 372 -16.58 -34.51 -10.23
CA ARG B 372 -15.61 -33.92 -9.29
C ARG B 372 -15.75 -34.47 -7.86
N SER B 373 -16.22 -35.70 -7.70
CA SER B 373 -16.38 -36.26 -6.35
C SER B 373 -15.47 -37.47 -6.12
N ILE B 374 -14.46 -37.22 -5.29
CA ILE B 374 -13.44 -38.19 -4.90
C ILE B 374 -13.81 -38.88 -3.56
N GLY B 375 -15.11 -38.88 -3.23
CA GLY B 375 -15.59 -39.28 -1.91
C GLY B 375 -15.50 -38.13 -0.95
N SER B 376 -14.85 -38.35 0.20
CA SER B 376 -14.72 -37.30 1.21
C SER B 376 -14.02 -36.05 0.66
N PHE B 377 -13.51 -36.15 -0.56
CA PHE B 377 -12.90 -35.02 -1.28
C PHE B 377 -13.83 -34.48 -2.38
N GLU B 378 -14.03 -33.16 -2.44
CA GLU B 378 -14.69 -32.55 -3.58
C GLU B 378 -13.79 -31.48 -4.23
N ILE B 379 -13.29 -31.75 -5.42
CA ILE B 379 -12.33 -30.85 -6.06
C ILE B 379 -13.02 -29.62 -6.65
N PRO B 380 -12.51 -28.43 -6.28
CA PRO B 380 -13.07 -27.14 -6.69
C PRO B 380 -13.21 -26.99 -8.21
N PRO B 381 -14.38 -26.51 -8.65
CA PRO B 381 -14.81 -26.44 -10.05
C PRO B 381 -13.81 -25.78 -10.97
N ALA B 382 -13.26 -24.65 -10.56
CA ALA B 382 -12.36 -23.89 -11.42
C ALA B 382 -10.92 -24.35 -11.26
N SER B 383 -10.73 -25.34 -10.40
CA SER B 383 -9.39 -25.87 -10.12
C SER B 383 -8.94 -26.84 -11.20
N MET B 384 -9.80 -27.06 -12.20
CA MET B 384 -9.41 -27.74 -13.42
C MET B 384 -8.24 -27.03 -14.07
N ALA B 385 -8.10 -25.74 -13.76
CA ALA B 385 -7.06 -24.89 -14.32
C ALA B 385 -5.65 -25.33 -13.89
N VAL B 386 -5.57 -26.23 -12.92
CA VAL B 386 -4.28 -26.77 -12.51
C VAL B 386 -3.74 -27.68 -13.59
N PHE B 387 -4.64 -28.20 -14.42
CA PHE B 387 -4.20 -29.03 -15.55
C PHE B 387 -3.57 -28.17 -16.61
N TYR B 388 -4.19 -27.03 -16.88
CA TYR B 388 -3.64 -26.09 -17.85
C TYR B 388 -2.29 -25.57 -17.37
N VAL B 389 -2.20 -25.25 -16.09
CA VAL B 389 -0.93 -24.77 -15.53
C VAL B 389 0.12 -25.90 -15.56
N GLY B 390 -0.33 -27.14 -15.42
CA GLY B 390 0.56 -28.28 -15.46
C GLY B 390 1.19 -28.46 -16.82
N GLY B 391 0.35 -28.47 -17.85
CA GLY B 391 0.81 -28.61 -19.22
C GLY B 391 1.68 -27.47 -19.69
N LEU B 392 1.67 -26.36 -18.95
CA LEU B 392 2.61 -25.28 -19.16
C LEU B 392 3.97 -25.73 -18.63
N LEU B 393 3.99 -25.93 -17.33
CA LEU B 393 5.19 -26.29 -16.58
C LEU B 393 5.86 -27.53 -17.13
N LEU B 394 5.03 -28.49 -17.52
CA LEU B 394 5.49 -29.78 -18.00
C LEU B 394 6.08 -29.62 -19.38
N THR B 395 5.33 -28.98 -20.28
CA THR B 395 5.79 -28.73 -21.65
C THR B 395 7.10 -27.95 -21.67
N THR B 396 7.12 -26.82 -20.98
CA THR B 396 8.34 -26.03 -20.87
C THR B 396 9.49 -26.96 -20.45
N ALA B 397 9.24 -27.84 -19.49
CA ALA B 397 10.26 -28.71 -18.91
C ALA B 397 10.75 -29.78 -19.88
N VAL B 398 9.79 -30.31 -20.64
CA VAL B 398 10.09 -31.24 -21.72
C VAL B 398 10.77 -30.49 -22.88
N TYR B 399 10.44 -29.23 -23.09
CA TYR B 399 11.00 -28.51 -24.23
C TYR B 399 12.39 -27.89 -23.97
N ASP B 400 12.78 -27.76 -22.72
CA ASP B 400 14.12 -27.24 -22.43
C ASP B 400 15.19 -28.32 -22.48
N ARG B 401 14.82 -29.53 -22.09
CA ARG B 401 15.76 -30.64 -22.09
C ARG B 401 15.67 -31.41 -23.40
N VAL B 402 14.54 -32.08 -23.58
CA VAL B 402 14.32 -32.97 -24.71
C VAL B 402 14.45 -32.31 -26.08
N ALA B 403 13.81 -31.18 -26.29
CA ALA B 403 13.69 -30.63 -27.64
C ALA B 403 14.71 -29.54 -28.04
N ILE B 404 15.70 -29.25 -27.20
CA ILE B 404 16.65 -28.20 -27.58
C ILE B 404 17.90 -28.80 -28.21
N ARG B 405 18.59 -29.64 -27.44
CA ARG B 405 19.80 -30.31 -27.90
C ARG B 405 19.50 -31.34 -28.98
N LEU B 406 18.22 -31.68 -29.14
CA LEU B 406 17.76 -32.67 -30.11
C LEU B 406 17.63 -32.03 -31.48
N CYS B 407 18.05 -30.78 -31.58
CA CYS B 407 18.02 -30.04 -32.82
C CYS B 407 19.47 -29.81 -33.27
N LYS B 408 20.32 -29.28 -32.40
CA LYS B 408 21.74 -29.21 -32.71
C LYS B 408 22.32 -30.54 -33.26
N LYS B 409 21.94 -31.67 -32.67
CA LYS B 409 22.45 -32.93 -33.21
C LYS B 409 21.68 -33.36 -34.46
N LEU B 410 20.41 -32.96 -34.56
CA LEU B 410 19.59 -33.26 -35.75
C LEU B 410 19.77 -32.31 -36.94
N PHE B 411 19.91 -31.02 -36.68
CA PHE B 411 19.95 -30.04 -37.76
C PHE B 411 21.03 -29.00 -37.52
N ASN B 412 21.02 -27.97 -38.36
CA ASN B 412 21.97 -26.87 -38.20
C ASN B 412 21.63 -25.98 -37.00
N TYR B 413 20.40 -26.03 -36.53
CA TYR B 413 20.02 -25.18 -35.39
C TYR B 413 19.94 -25.91 -34.05
N PRO B 414 20.70 -25.43 -33.03
CA PRO B 414 20.46 -25.72 -31.62
C PRO B 414 19.60 -24.71 -30.90
N HIS B 415 18.58 -24.16 -31.55
CA HIS B 415 17.77 -23.12 -30.93
C HIS B 415 16.42 -23.66 -30.54
N GLY B 416 16.25 -24.95 -30.82
CA GLY B 416 14.92 -25.50 -30.92
C GLY B 416 14.27 -24.99 -32.19
N LEU B 417 13.08 -24.41 -32.02
CA LEU B 417 12.11 -24.19 -33.11
C LEU B 417 12.04 -22.77 -33.74
N ARG B 418 13.10 -21.99 -33.58
CA ARG B 418 13.09 -20.57 -33.87
C ARG B 418 12.35 -20.06 -35.13
N PRO B 419 11.60 -18.95 -34.94
CA PRO B 419 10.62 -18.63 -33.89
C PRO B 419 9.21 -19.12 -34.23
N LEU B 420 8.82 -18.90 -35.50
CA LEU B 420 7.44 -18.93 -35.94
C LEU B 420 6.93 -20.35 -36.08
N GLN B 421 7.81 -21.33 -35.92
CA GLN B 421 7.36 -22.71 -35.90
C GLN B 421 6.55 -23.00 -34.63
N ARG B 422 6.97 -22.42 -33.50
CA ARG B 422 6.22 -22.56 -32.27
C ARG B 422 4.88 -21.81 -32.34
N ILE B 423 4.88 -20.61 -32.93
CA ILE B 423 3.64 -19.84 -33.16
C ILE B 423 2.58 -20.63 -33.94
N GLY B 424 2.96 -21.18 -35.09
CA GLY B 424 2.04 -21.98 -35.88
C GLY B 424 1.56 -23.18 -35.10
N LEU B 425 2.50 -23.82 -34.41
CA LEU B 425 2.20 -24.97 -33.58
C LEU B 425 1.06 -24.67 -32.63
N GLY B 426 1.20 -23.59 -31.88
CA GLY B 426 0.20 -23.16 -30.92
C GLY B 426 -1.18 -22.91 -31.52
N LEU B 427 -1.22 -22.27 -32.68
CA LEU B 427 -2.48 -22.06 -33.36
C LEU B 427 -3.19 -23.38 -33.59
N PHE B 428 -2.44 -24.41 -33.99
CA PHE B 428 -3.03 -25.70 -34.29
C PHE B 428 -3.71 -26.33 -33.08
N PHE B 429 -3.07 -26.19 -31.92
CA PHE B 429 -3.64 -26.72 -30.69
C PHE B 429 -4.77 -25.85 -30.24
N GLY B 430 -4.75 -24.58 -30.64
CA GLY B 430 -5.87 -23.70 -30.42
C GLY B 430 -7.17 -24.37 -30.84
N SER B 431 -7.18 -24.98 -32.03
CA SER B 431 -8.35 -25.70 -32.51
C SER B 431 -8.49 -27.07 -31.86
N MET B 432 -7.36 -27.78 -31.79
CA MET B 432 -7.28 -29.11 -31.19
C MET B 432 -7.93 -29.21 -29.83
N ALA B 433 -7.83 -28.13 -29.06
CA ALA B 433 -8.55 -28.05 -27.80
C ALA B 433 -9.99 -27.81 -28.12
N MET B 434 -10.26 -26.66 -28.74
CA MET B 434 -11.62 -26.24 -29.06
C MET B 434 -12.38 -27.31 -29.82
N ALA B 435 -11.67 -28.13 -30.58
CA ALA B 435 -12.27 -29.27 -31.26
C ALA B 435 -12.56 -30.44 -30.30
N VAL B 436 -11.56 -30.82 -29.50
CA VAL B 436 -11.81 -31.83 -28.46
C VAL B 436 -12.83 -31.29 -27.45
N ALA B 437 -12.65 -30.04 -27.04
CA ALA B 437 -13.57 -29.42 -26.10
C ALA B 437 -15.00 -29.41 -26.63
N ALA B 438 -15.16 -29.38 -27.94
CA ALA B 438 -16.49 -29.43 -28.54
C ALA B 438 -17.02 -30.85 -28.55
N LEU B 439 -16.09 -31.80 -28.56
CA LEU B 439 -16.44 -33.22 -28.56
C LEU B 439 -16.96 -33.60 -27.19
N VAL B 440 -16.29 -33.12 -26.15
CA VAL B 440 -16.61 -33.53 -24.80
C VAL B 440 -17.88 -32.86 -24.24
N GLU B 441 -18.37 -31.82 -24.91
CA GLU B 441 -19.64 -31.17 -24.55
C GLU B 441 -20.82 -31.94 -25.17
N LEU B 442 -20.46 -33.03 -25.84
CA LEU B 442 -21.41 -33.98 -26.39
C LEU B 442 -21.52 -35.22 -25.50
N LYS B 443 -20.39 -35.90 -25.26
CA LYS B 443 -20.33 -36.99 -24.28
C LYS B 443 -20.94 -36.59 -22.92
N ARG B 444 -20.86 -35.30 -22.57
CA ARG B 444 -21.46 -34.78 -21.33
C ARG B 444 -22.96 -34.55 -21.46
N LEU B 445 -23.38 -33.98 -22.59
CA LEU B 445 -24.79 -33.73 -22.84
C LEU B 445 -25.50 -35.07 -23.12
N ARG B 446 -24.72 -36.06 -23.56
CA ARG B 446 -25.21 -37.42 -23.76
C ARG B 446 -25.71 -38.01 -22.45
N THR B 447 -24.80 -38.13 -21.49
CA THR B 447 -25.10 -38.85 -20.25
C THR B 447 -26.07 -38.07 -19.37
N ALA B 448 -26.05 -36.75 -19.49
CA ALA B 448 -26.89 -35.88 -18.66
C ALA B 448 -28.30 -35.66 -19.23
N HIS B 449 -28.55 -36.18 -20.43
CA HIS B 449 -29.91 -36.28 -20.98
C HIS B 449 -30.29 -37.76 -21.19
N ALA B 450 -31.17 -38.33 -20.35
CA ALA B 450 -31.70 -39.68 -20.59
C ALA B 450 -32.77 -40.09 -19.59
N PRO B 459 -25.63 -39.74 -14.01
CA PRO B 459 -25.14 -38.87 -12.94
C PRO B 459 -23.62 -38.58 -12.99
N LEU B 460 -22.81 -39.62 -12.88
CA LEU B 460 -21.38 -39.47 -12.64
C LEU B 460 -20.50 -39.45 -13.90
N GLY B 461 -19.92 -38.29 -14.20
CA GLY B 461 -18.76 -38.25 -15.09
C GLY B 461 -17.88 -37.02 -14.88
N PHE B 462 -16.59 -37.19 -15.12
CA PHE B 462 -15.58 -36.14 -14.95
C PHE B 462 -14.24 -36.64 -15.54
N TYR B 463 -13.18 -35.87 -15.41
CA TYR B 463 -11.85 -36.20 -15.89
C TYR B 463 -11.90 -36.24 -17.42
N LEU B 464 -12.94 -35.63 -17.96
CA LEU B 464 -13.09 -35.45 -19.38
C LEU B 464 -12.73 -34.01 -19.77
N LEU B 465 -12.49 -33.17 -18.78
CA LEU B 465 -12.12 -31.80 -19.07
C LEU B 465 -10.62 -31.61 -18.95
N ILE B 466 -9.88 -32.67 -18.64
CA ILE B 466 -8.42 -32.56 -18.70
C ILE B 466 -7.93 -32.17 -20.10
N PRO B 467 -8.37 -32.90 -21.15
CA PRO B 467 -7.74 -32.60 -22.44
C PRO B 467 -7.81 -31.13 -22.85
N GLN B 468 -8.98 -30.51 -22.75
CA GLN B 468 -9.09 -29.19 -23.30
C GLN B 468 -8.27 -28.20 -22.49
N TYR B 469 -8.13 -28.46 -21.19
CA TYR B 469 -7.28 -27.64 -20.33
C TYR B 469 -5.81 -27.88 -20.66
N LEU B 470 -5.47 -29.15 -20.81
CA LEU B 470 -4.13 -29.58 -21.13
C LEU B 470 -3.67 -29.08 -22.48
N ILE B 471 -4.46 -29.36 -23.51
CA ILE B 471 -4.13 -28.97 -24.88
C ILE B 471 -3.91 -27.45 -24.98
N VAL B 472 -4.83 -26.63 -24.45
CA VAL B 472 -4.57 -25.19 -24.45
C VAL B 472 -3.31 -24.92 -23.64
N GLY B 473 -3.02 -25.78 -22.67
CA GLY B 473 -1.84 -25.62 -21.84
C GLY B 473 -0.54 -25.88 -22.56
N ILE B 474 -0.42 -27.02 -23.23
CA ILE B 474 0.79 -27.28 -24.02
C ILE B 474 0.87 -26.26 -25.15
N GLY B 475 -0.25 -26.03 -25.82
CA GLY B 475 -0.29 -25.11 -26.94
C GLY B 475 0.18 -23.72 -26.58
N GLU B 476 -0.09 -23.31 -25.34
CA GLU B 476 0.27 -21.98 -24.88
C GLU B 476 1.77 -21.86 -24.65
N ALA B 477 2.39 -22.95 -24.19
CA ALA B 477 3.77 -22.89 -23.72
C ALA B 477 4.74 -22.90 -24.89
N LEU B 478 4.19 -22.96 -26.09
CA LEU B 478 4.99 -22.91 -27.31
C LEU B 478 4.79 -21.56 -28.03
N ILE B 479 3.52 -21.24 -28.32
CA ILE B 479 3.13 -20.00 -28.96
C ILE B 479 3.59 -18.75 -28.23
N TYR B 480 3.69 -18.81 -26.91
CA TYR B 480 4.17 -17.64 -26.18
C TYR B 480 5.71 -17.55 -26.27
N THR B 481 6.41 -18.68 -26.32
CA THR B 481 7.84 -18.66 -26.66
C THR B 481 8.03 -18.03 -28.04
N GLY B 482 7.23 -18.48 -29.00
CA GLY B 482 7.40 -18.10 -30.38
C GLY B 482 6.99 -16.67 -30.68
N GLN B 483 5.84 -16.27 -30.14
CA GLN B 483 5.37 -14.90 -30.28
C GLN B 483 6.47 -13.95 -29.81
N LEU B 484 6.95 -14.20 -28.58
CA LEU B 484 8.02 -13.44 -27.98
C LEU B 484 9.31 -13.44 -28.81
N ASP B 485 9.93 -14.61 -28.99
CA ASP B 485 11.20 -14.75 -29.72
C ASP B 485 11.18 -14.00 -31.06
N PHE B 486 10.08 -14.16 -31.79
CA PHE B 486 9.87 -13.53 -33.08
C PHE B 486 9.81 -12.02 -32.91
N PHE B 487 8.96 -11.56 -32.01
CA PHE B 487 8.84 -10.11 -31.79
C PHE B 487 10.16 -9.45 -31.40
N LEU B 488 11.10 -10.23 -30.87
CA LEU B 488 12.39 -9.68 -30.48
C LEU B 488 13.34 -9.55 -31.66
N ARG B 489 13.89 -10.67 -32.15
CA ARG B 489 14.93 -10.58 -33.16
C ARG B 489 14.40 -9.86 -34.40
N GLU B 490 13.10 -9.99 -34.66
CA GLU B 490 12.53 -9.31 -35.82
C GLU B 490 12.15 -7.84 -35.54
N CYS B 491 12.24 -7.39 -34.30
CA CYS B 491 12.03 -5.97 -34.02
C CYS B 491 13.31 -5.20 -34.31
N PRO B 492 13.17 -3.97 -34.84
CA PRO B 492 14.30 -3.13 -35.29
C PRO B 492 15.30 -2.83 -34.19
N LYS B 493 16.50 -2.43 -34.55
CA LYS B 493 17.52 -2.19 -33.53
C LYS B 493 17.30 -0.82 -32.91
N GLY B 494 17.34 -0.77 -31.59
CA GLY B 494 17.08 0.46 -30.85
C GLY B 494 15.61 0.64 -30.58
N MET B 495 14.76 0.04 -31.42
CA MET B 495 13.33 0.10 -31.21
C MET B 495 12.70 -1.16 -30.60
N LYS B 496 13.48 -2.18 -30.27
CA LYS B 496 12.86 -3.38 -29.69
C LYS B 496 12.38 -3.02 -28.29
N GLY B 497 11.70 -3.95 -27.62
CA GLY B 497 10.95 -3.56 -26.44
C GLY B 497 9.58 -3.09 -26.89
N MET B 498 9.48 -2.88 -28.21
CA MET B 498 8.21 -2.82 -28.91
C MET B 498 7.56 -4.19 -28.84
N SER B 499 8.38 -5.20 -28.55
CA SER B 499 7.97 -6.60 -28.45
C SER B 499 6.82 -6.86 -27.50
N THR B 500 7.06 -6.66 -26.20
CA THR B 500 6.03 -6.93 -25.21
C THR B 500 4.72 -6.20 -25.57
N GLY B 501 4.87 -5.04 -26.23
CA GLY B 501 3.73 -4.31 -26.75
C GLY B 501 2.94 -5.20 -27.70
N LEU B 502 3.62 -5.69 -28.73
CA LEU B 502 2.97 -6.59 -29.67
C LEU B 502 2.46 -7.83 -28.94
N LEU B 503 3.15 -8.22 -27.88
CA LEU B 503 2.82 -9.46 -27.20
C LEU B 503 1.56 -9.29 -26.42
N LEU B 504 1.64 -8.46 -25.38
CA LEU B 504 0.49 -8.22 -24.52
C LEU B 504 -0.73 -7.78 -25.32
N SER B 505 -0.57 -6.85 -26.26
CA SER B 505 -1.72 -6.34 -27.00
C SER B 505 -2.47 -7.47 -27.70
N THR B 506 -1.76 -8.52 -28.12
CA THR B 506 -2.45 -9.68 -28.68
C THR B 506 -3.21 -10.43 -27.62
N LEU B 507 -2.65 -10.48 -26.42
CA LEU B 507 -3.32 -11.18 -25.32
C LEU B 507 -4.64 -10.51 -25.12
N ALA B 508 -4.58 -9.20 -24.93
CA ALA B 508 -5.73 -8.36 -24.62
C ALA B 508 -6.87 -8.57 -25.58
N LEU B 509 -6.57 -8.39 -26.87
CA LEU B 509 -7.53 -8.60 -27.95
C LEU B 509 -8.08 -10.02 -27.93
N GLY B 510 -7.20 -10.98 -27.63
CA GLY B 510 -7.60 -12.38 -27.57
C GLY B 510 -8.79 -12.54 -26.65
N PHE B 511 -8.73 -11.86 -25.51
CA PHE B 511 -9.82 -11.82 -24.56
C PHE B 511 -10.97 -10.94 -25.05
N PHE B 512 -10.65 -9.77 -25.57
CA PHE B 512 -11.68 -8.86 -26.07
C PHE B 512 -12.43 -9.46 -27.24
N PHE B 513 -11.73 -10.22 -28.10
CA PHE B 513 -12.40 -10.83 -29.22
C PHE B 513 -13.18 -12.04 -28.74
N SER B 514 -12.71 -12.68 -27.67
CA SER B 514 -13.50 -13.75 -27.07
C SER B 514 -14.74 -13.16 -26.41
N SER B 515 -14.68 -11.87 -26.09
CA SER B 515 -15.87 -11.16 -25.60
C SER B 515 -16.83 -10.97 -26.76
N VAL B 516 -16.31 -10.43 -27.86
CA VAL B 516 -17.11 -10.23 -29.06
C VAL B 516 -17.65 -11.55 -29.63
N LEU B 517 -16.80 -12.58 -29.66
CA LEU B 517 -17.19 -13.86 -30.24
C LEU B 517 -18.39 -14.46 -29.53
N VAL B 518 -18.44 -14.28 -28.22
CA VAL B 518 -19.58 -14.75 -27.42
C VAL B 518 -20.83 -13.91 -27.70
N THR B 519 -20.64 -12.60 -27.89
CA THR B 519 -21.76 -11.69 -28.06
C THR B 519 -22.36 -11.80 -29.47
N ILE B 520 -21.62 -12.38 -30.40
CA ILE B 520 -22.15 -12.60 -31.74
C ILE B 520 -23.18 -13.73 -31.69
N VAL B 521 -22.82 -14.82 -31.02
CA VAL B 521 -23.61 -16.04 -31.07
C VAL B 521 -24.99 -15.87 -30.42
N GLU B 522 -25.16 -14.78 -29.66
CA GLU B 522 -26.44 -14.45 -29.05
C GLU B 522 -27.54 -14.27 -30.11
N LYS B 523 -27.18 -13.73 -31.27
CA LYS B 523 -28.19 -13.50 -32.31
C LYS B 523 -28.29 -14.54 -33.45
N PHE B 524 -27.43 -15.56 -33.46
CA PHE B 524 -27.46 -16.54 -34.57
C PHE B 524 -28.81 -17.24 -34.69
N THR B 525 -29.14 -18.06 -33.71
CA THR B 525 -30.54 -18.39 -33.46
C THR B 525 -30.73 -18.10 -31.97
N GLY B 526 -31.49 -17.05 -31.67
CA GLY B 526 -31.55 -16.54 -30.31
C GLY B 526 -32.67 -17.10 -29.46
N LYS B 527 -33.77 -17.46 -30.11
CA LYS B 527 -34.87 -18.09 -29.39
C LYS B 527 -34.55 -19.55 -29.07
N ALA B 528 -35.31 -20.14 -28.14
CA ALA B 528 -35.13 -21.52 -27.70
C ALA B 528 -33.77 -21.70 -27.07
N HIS B 529 -33.02 -22.70 -27.53
CA HIS B 529 -31.67 -22.91 -27.03
C HIS B 529 -30.63 -22.58 -28.09
N PRO B 530 -29.96 -21.41 -27.94
CA PRO B 530 -28.76 -21.05 -28.70
C PRO B 530 -27.58 -21.78 -28.08
N TRP B 531 -26.34 -21.51 -28.49
CA TRP B 531 -25.30 -22.19 -27.75
C TRP B 531 -24.77 -21.24 -26.70
N ILE B 532 -25.34 -21.45 -25.51
CA ILE B 532 -25.13 -20.68 -24.29
C ILE B 532 -26.26 -21.23 -23.40
N ALA B 533 -26.19 -21.06 -22.08
CA ALA B 533 -27.22 -21.64 -21.21
C ALA B 533 -27.11 -21.08 -19.82
N ASP B 534 -27.89 -21.65 -18.90
CA ASP B 534 -27.70 -21.35 -17.49
C ASP B 534 -27.60 -22.71 -16.79
N ASP B 535 -28.67 -23.51 -16.86
CA ASP B 535 -28.44 -24.93 -16.74
C ASP B 535 -27.86 -25.23 -18.11
N LEU B 536 -26.63 -25.73 -18.13
CA LEU B 536 -25.96 -26.01 -19.39
C LEU B 536 -26.68 -27.13 -20.11
N ASN B 537 -27.30 -28.02 -19.36
CA ASN B 537 -28.04 -29.13 -19.96
C ASN B 537 -29.24 -28.62 -20.76
N LYS B 538 -29.71 -27.43 -20.41
CA LYS B 538 -30.84 -26.81 -21.10
C LYS B 538 -30.38 -26.05 -22.34
N GLY B 539 -29.09 -26.16 -22.63
CA GLY B 539 -28.46 -25.47 -23.75
C GLY B 539 -27.33 -26.33 -24.28
N ARG B 540 -26.56 -25.82 -25.23
CA ARG B 540 -25.46 -26.61 -25.79
C ARG B 540 -24.19 -25.79 -26.02
N LEU B 541 -23.08 -26.16 -25.40
CA LEU B 541 -21.86 -25.34 -25.58
C LEU B 541 -21.09 -25.68 -26.84
N TYR B 542 -21.07 -26.95 -27.24
CA TYR B 542 -20.14 -27.45 -28.25
C TYR B 542 -20.16 -26.64 -29.53
N ASN B 543 -21.29 -25.98 -29.75
CA ASN B 543 -21.52 -25.20 -30.96
C ASN B 543 -20.68 -23.93 -30.98
N PHE B 544 -20.24 -23.53 -29.80
CA PHE B 544 -19.28 -22.44 -29.66
C PHE B 544 -17.87 -22.98 -29.86
N TYR B 545 -17.52 -23.95 -28.99
CA TYR B 545 -16.23 -24.63 -29.04
C TYR B 545 -15.83 -25.07 -30.46
N TRP B 546 -16.79 -25.54 -31.26
CA TRP B 546 -16.53 -25.85 -32.68
C TRP B 546 -16.10 -24.60 -33.45
N LEU B 547 -16.97 -23.59 -33.42
CA LEU B 547 -16.74 -22.32 -34.12
C LEU B 547 -15.38 -21.69 -33.76
N VAL B 548 -14.99 -21.74 -32.50
CA VAL B 548 -13.65 -21.29 -32.12
C VAL B 548 -12.59 -22.20 -32.76
N ALA B 549 -12.82 -23.52 -32.67
CA ALA B 549 -11.93 -24.51 -33.27
C ALA B 549 -11.75 -24.20 -34.73
N VAL B 550 -12.87 -24.02 -35.44
CA VAL B 550 -12.79 -23.71 -36.85
C VAL B 550 -12.22 -22.31 -37.13
N LEU B 551 -12.73 -21.28 -36.46
CA LEU B 551 -12.21 -19.91 -36.63
C LEU B 551 -10.71 -19.90 -36.43
N VAL B 552 -10.23 -20.69 -35.49
CA VAL B 552 -8.78 -20.77 -35.27
C VAL B 552 -8.11 -21.64 -36.35
N ALA B 553 -8.74 -22.75 -36.74
CA ALA B 553 -8.15 -23.64 -37.76
C ALA B 553 -7.83 -22.85 -39.02
N LEU B 554 -8.81 -22.07 -39.48
CA LEU B 554 -8.64 -21.15 -40.60
C LEU B 554 -7.56 -20.12 -40.30
N ASN B 555 -7.59 -19.55 -39.09
CA ASN B 555 -6.65 -18.52 -38.69
C ASN B 555 -5.22 -19.01 -38.86
N PHE B 556 -5.03 -20.31 -38.68
CA PHE B 556 -3.72 -20.97 -38.74
C PHE B 556 -3.21 -21.15 -40.17
N LEU B 557 -4.11 -21.58 -41.06
CA LEU B 557 -3.77 -21.63 -42.48
C LEU B 557 -3.35 -20.22 -42.93
N ILE B 558 -4.10 -19.22 -42.47
CA ILE B 558 -3.81 -17.80 -42.71
C ILE B 558 -2.40 -17.47 -42.25
N PHE B 559 -2.11 -17.81 -40.99
CA PHE B 559 -0.78 -17.62 -40.46
C PHE B 559 0.29 -18.28 -41.33
N LEU B 560 -0.04 -19.40 -41.98
CA LEU B 560 0.96 -20.13 -42.75
C LEU B 560 1.36 -19.34 -43.98
N VAL B 561 0.35 -18.80 -44.64
CA VAL B 561 0.54 -17.94 -45.80
C VAL B 561 1.25 -16.65 -45.41
N PHE B 562 0.80 -16.00 -44.33
CA PHE B 562 1.50 -14.83 -43.80
C PHE B 562 2.96 -15.14 -43.45
N SER B 563 3.20 -16.38 -43.04
CA SER B 563 4.53 -16.77 -42.63
C SER B 563 5.41 -17.04 -43.83
N LYS B 564 4.88 -17.71 -44.85
CA LYS B 564 5.65 -17.91 -46.06
C LYS B 564 6.04 -16.54 -46.65
N TRP B 565 5.08 -15.63 -46.71
CA TRP B 565 5.26 -14.33 -47.36
C TRP B 565 6.24 -13.40 -46.66
N TYR B 566 6.00 -13.20 -45.38
CA TYR B 566 6.77 -12.27 -44.56
C TYR B 566 8.26 -12.43 -44.75
N VAL B 567 8.70 -13.68 -44.83
CA VAL B 567 10.11 -13.99 -44.99
C VAL B 567 10.55 -13.81 -46.44
N TYR B 568 9.67 -14.03 -47.42
CA TYR B 568 10.05 -13.74 -48.80
C TYR B 568 10.32 -12.25 -48.98
N LYS B 569 9.56 -11.41 -48.29
CA LYS B 569 9.70 -9.96 -48.45
C LYS B 569 10.87 -9.46 -47.61
N GLU B 570 11.05 -9.98 -46.41
CA GLU B 570 12.08 -9.44 -45.52
C GLU B 570 13.44 -10.04 -45.91
N LYS B 571 13.43 -10.91 -46.90
CA LYS B 571 14.64 -11.44 -47.54
C LYS B 571 14.98 -10.61 -48.78
N ARG B 572 14.05 -10.56 -49.74
CA ARG B 572 14.17 -9.72 -50.95
C ARG B 572 14.56 -8.26 -50.64
N LEU B 573 13.98 -7.70 -49.59
CA LEU B 573 14.33 -6.38 -49.07
C LEU B 573 15.81 -6.31 -48.63
N ALA B 574 16.26 -7.33 -47.91
CA ALA B 574 17.67 -7.44 -47.56
C ALA B 574 18.52 -7.41 -48.81
N GLU B 575 18.19 -8.27 -49.77
CA GLU B 575 18.96 -8.44 -50.99
C GLU B 575 18.84 -7.23 -51.91
N VAL B 576 17.72 -6.52 -51.86
CA VAL B 576 17.52 -5.35 -52.72
C VAL B 576 18.26 -4.16 -52.14
N GLY B 577 18.26 -4.06 -50.82
CA GLY B 577 19.00 -3.01 -50.12
C GLY B 577 20.47 -3.02 -50.50
N ILE B 578 20.99 -4.20 -50.83
CA ILE B 578 22.37 -4.35 -51.29
C ILE B 578 22.58 -4.00 -52.78
N GLU B 579 21.75 -4.55 -53.65
CA GLU B 579 21.97 -4.42 -55.08
C GLU B 579 22.08 -2.96 -55.51
N LEU B 580 21.28 -2.09 -54.87
CA LEU B 580 21.20 -0.67 -55.20
C LEU B 580 22.16 0.17 -54.36
N ASP B 581 23.00 -0.50 -53.56
CA ASP B 581 23.93 0.14 -52.64
C ASP B 581 23.20 0.98 -51.60
C1B LMT C . -9.47 27.11 15.37
C2B LMT C . -8.10 27.35 14.79
C3B LMT C . -7.52 28.69 14.96
C4B LMT C . -8.00 29.49 16.12
C5B LMT C . -9.50 29.42 16.27
C6B LMT C . -10.24 30.07 15.12
O1B LMT C . -9.57 25.80 15.79
O2B LMT C . -7.14 26.40 15.28
O3B LMT C . -7.71 29.35 13.74
O4' LMT C . -7.47 29.00 17.35
O5B LMT C . -9.85 28.05 16.49
O6B LMT C . -9.92 31.35 14.76
C1' LMT C . -12.57 23.12 17.13
C2' LMT C . -12.47 23.57 15.69
C3' LMT C . -11.22 24.32 15.35
C4' LMT C . -10.87 25.34 16.25
C5' LMT C . -10.82 24.75 17.64
C6' LMT C . -10.52 25.73 18.67
O1' LMT C . -13.93 22.80 17.46
O2' LMT C . -12.43 22.39 14.97
O3' LMT C . -11.21 24.86 13.97
O5' LMT C . -12.08 24.07 18.04
O6' LMT C . -9.43 26.53 18.54
C1 LMT C . -14.83 22.01 16.68
N NO3 D . -3.81 9.16 23.60
O1 NO3 D . -3.25 9.14 24.70
O2 NO3 D . -5.17 9.10 23.55
O3 NO3 D . -3.13 9.53 22.47
C1B LMT E . 11.72 -24.52 -15.37
C2B LMT E . 12.09 -24.87 -16.76
C3B LMT E . 13.46 -25.40 -16.78
C4B LMT E . 14.44 -24.37 -16.39
C5B LMT E . 14.18 -23.90 -14.98
C6B LMT E . 14.90 -22.59 -14.76
O1B LMT E . 11.39 -25.68 -14.72
O2B LMT E . 11.10 -25.79 -17.23
O3B LMT E . 13.85 -25.92 -18.04
O4' LMT E . 15.74 -24.89 -16.52
O5B LMT E . 12.80 -23.77 -14.60
O6B LMT E . 15.23 -21.86 -15.86
C1' LMT E . 8.32 -26.94 -12.18
C2' LMT E . 8.07 -26.92 -13.67
C3' LMT E . 9.26 -26.60 -14.50
C4' LMT E . 10.14 -25.61 -13.98
C5' LMT E . 10.41 -25.87 -12.53
C6' LMT E . 11.36 -24.93 -11.96
O1' LMT E . 7.11 -26.94 -11.45
O2' LMT E . 7.59 -28.18 -14.03
O3' LMT E . 8.87 -26.22 -15.88
O5' LMT E . 9.13 -25.89 -11.78
O6' LMT E . 11.27 -23.64 -12.34
C1 LMT E . 6.60 -28.17 -10.95
N NO3 F . -4.98 -15.41 -16.30
O1 NO3 F . -5.24 -14.22 -16.07
O2 NO3 F . -6.00 -16.32 -16.43
O3 NO3 F . -3.67 -15.80 -16.37
#